data_8QYR
#
_entry.id   8QYR
#
_cell.length_a   68.580
_cell.length_b   95.680
_cell.length_c   127.140
_cell.angle_alpha   90.00
_cell.angle_beta   90.00
_cell.angle_gamma   90.00
#
_symmetry.space_group_name_H-M   'P 21 21 21'
#
loop_
_entity.id
_entity.type
_entity.pdbx_description
1 polymer Myosin-7
2 non-polymer Mavacamten
3 non-polymer 'SULFATE ION'
4 non-polymer 1,2-ETHANEDIOL
5 non-polymer 'MAGNESIUM ION'
6 non-polymer "ADENOSINE-5'-DIPHOSPHATE"
7 non-polymer 'BERYLLIUM TRIFLUORIDE ION'
8 water water
#
_entity_poly.entity_id   1
_entity_poly.type   'polypeptide(L)'
_entity_poly.pdbx_seq_one_letter_code
;MVDAEMAAFGEAAPYLRKSEKERLEAQTRPFDLKKDVFVPDDKEEFVKATILSREGGKVTAETEHGKTVTVKEDQVLQQN
PPKFDKIEDMAMLTFLHEPAVLYNLKERYASWMIYTYSGLFCVTINPY(M3L)WLPVYNAEVVAAYRGKKRSEAPPHIFS
ISDNAYQYMLTDRENQSILITGESGAGKTVNTKRVIQYFAVIAAIGDRSKKEQATGKGTLEDQIIQANPALEAFGNAKTV
RNDNSSRFGKFIRIHFGATGKLASADIETYLLEKSRVIFQLKAERDYHIFYQILSNKKPELLDMLLITNNPYDYAFISQG
ETTVASIDDAEELMATDNAFDVLGFTTEEKNSMYKLTGAIMHFGNMKFKLKQREEQAEPDGTEEADKSAYLMGLNSADLL
KGLCHPRVKVGNEYVTKGQNVQQVVYAKGALAKAVYERMFNWMVTRINATLETKQPRQYFIGVLDIAGFEIFDFNSFEQL
CINFTNEKLQQFFNHHMFVLEQEEYKKEGIEWEFIDFGMDLQACIDLIEKPMGIMSILEEECMFPKATDMTF(M3L)AKL
FDNHLGKSSNFQKPRNIKGKPEAHFSLIHYAGTVDYNIIGWLQKNKDPLNETVVDLYKKSSLKMLSSLFANYAGFDTPIE
KGKGKAKKGSSFQTVSALHRENLNKLMTNLRSTHPHFVRCIIPNETKSPGVIDNPLVMHQLRCNGVLEGIRICRKGFPNR
ILYGDFRQRYRILNPAAIPEGQDIDSRKGAEKLLGSLDIDHNQYKFGHTKVFFKAGLLGLLEEMRDERL
;
_entity_poly.pdbx_strand_id   B
#
# COMPACT_ATOMS: atom_id res chain seq x y z
N LYS A 34 28.01 11.35 -29.44
CA LYS A 34 28.19 12.58 -30.20
C LYS A 34 27.77 13.83 -29.39
N LYS A 35 27.25 14.89 -30.03
CA LYS A 35 26.91 16.19 -29.44
C LYS A 35 25.71 16.23 -28.47
N ASP A 36 24.65 15.39 -28.69
CA ASP A 36 23.41 15.37 -27.90
C ASP A 36 23.54 14.56 -26.62
N VAL A 37 23.56 15.30 -25.50
CA VAL A 37 23.83 14.78 -24.18
C VAL A 37 22.90 15.32 -23.11
N PHE A 38 23.10 14.78 -21.90
CA PHE A 38 22.51 15.17 -20.64
C PHE A 38 23.69 15.56 -19.75
N VAL A 39 23.52 16.63 -19.00
CA VAL A 39 24.51 17.13 -18.04
C VAL A 39 23.83 17.30 -16.67
N PRO A 40 24.57 17.22 -15.53
CA PRO A 40 23.88 17.45 -14.24
C PRO A 40 23.50 18.92 -14.03
N ASP A 41 22.42 19.14 -13.30
CA ASP A 41 21.90 20.47 -13.01
C ASP A 41 21.46 20.48 -11.54
N ASP A 42 21.74 21.56 -10.82
CA ASP A 42 21.41 21.73 -9.40
C ASP A 42 19.90 21.70 -9.11
N LYS A 43 19.09 22.32 -9.97
CA LYS A 43 17.64 22.40 -9.79
C LYS A 43 16.80 21.27 -10.43
N GLU A 44 17.16 20.85 -11.66
CA GLU A 44 16.40 19.89 -12.45
C GLU A 44 17.06 18.52 -12.54
N GLU A 45 18.11 18.25 -11.73
CA GLU A 45 18.90 16.99 -11.68
C GLU A 45 19.76 16.80 -12.93
N PHE A 46 19.11 16.83 -14.09
CA PHE A 46 19.71 16.69 -15.40
C PHE A 46 18.93 17.51 -16.39
N VAL A 47 19.64 18.05 -17.38
CA VAL A 47 19.06 18.83 -18.49
C VAL A 47 19.69 18.33 -19.77
N LYS A 48 18.99 18.56 -20.90
CA LYS A 48 19.51 18.30 -22.23
C LYS A 48 20.55 19.36 -22.57
N ALA A 49 21.56 18.97 -23.33
CA ALA A 49 22.63 19.87 -23.77
C ALA A 49 23.28 19.41 -25.06
N THR A 50 24.05 20.31 -25.69
CA THR A 50 24.85 20.09 -26.88
C THR A 50 26.30 20.43 -26.55
N ILE A 51 27.21 19.45 -26.72
CA ILE A 51 28.66 19.58 -26.53
C ILE A 51 29.15 20.61 -27.54
N LEU A 52 29.85 21.65 -27.04
CA LEU A 52 30.47 22.68 -27.86
C LEU A 52 31.96 22.39 -28.03
N SER A 53 32.63 21.88 -26.95
CA SER A 53 34.07 21.58 -26.96
C SER A 53 34.51 20.62 -25.84
N ARG A 54 35.74 20.07 -25.98
CA ARG A 54 36.36 19.11 -25.04
C ARG A 54 37.82 19.50 -24.80
N GLU A 55 38.28 19.38 -23.52
CA GLU A 55 39.64 19.71 -23.09
C GLU A 55 39.87 19.35 -21.63
N GLY A 56 41.01 18.73 -21.35
CA GLY A 56 41.49 18.35 -20.01
C GLY A 56 40.54 17.61 -19.09
N GLY A 57 39.75 16.70 -19.66
CA GLY A 57 38.79 15.89 -18.90
C GLY A 57 37.50 16.62 -18.63
N LYS A 58 37.35 17.79 -19.27
CA LYS A 58 36.21 18.68 -19.11
C LYS A 58 35.49 18.87 -20.44
N VAL A 59 34.17 19.11 -20.35
CA VAL A 59 33.28 19.31 -21.50
C VAL A 59 32.56 20.66 -21.35
N THR A 60 32.51 21.43 -22.43
CA THR A 60 31.75 22.69 -22.48
C THR A 60 30.49 22.42 -23.30
N ALA A 61 29.32 22.72 -22.74
CA ALA A 61 28.03 22.42 -23.39
C ALA A 61 26.99 23.51 -23.22
N GLU A 62 26.10 23.65 -24.22
CA GLU A 62 24.98 24.59 -24.17
C GLU A 62 23.71 23.79 -23.84
N THR A 63 23.07 24.15 -22.71
CA THR A 63 21.85 23.45 -22.27
C THR A 63 20.62 23.87 -23.04
N GLU A 64 19.50 23.09 -22.87
CA GLU A 64 18.19 23.35 -23.48
C GLU A 64 17.64 24.69 -22.97
N HIS A 65 17.96 25.05 -21.71
CA HIS A 65 17.55 26.30 -21.07
C HIS A 65 18.51 27.48 -21.38
N GLY A 66 19.35 27.33 -22.41
CA GLY A 66 20.29 28.34 -22.88
C GLY A 66 21.45 28.70 -21.96
N LYS A 67 21.91 27.76 -21.11
CA LYS A 67 23.05 28.02 -20.22
C LYS A 67 24.27 27.30 -20.74
N THR A 68 25.41 28.02 -20.76
CA THR A 68 26.69 27.49 -21.22
C THR A 68 27.44 27.03 -20.01
N VAL A 69 27.67 25.73 -19.97
CA VAL A 69 28.16 25.03 -18.81
C VAL A 69 29.44 24.23 -19.09
N THR A 70 30.26 24.08 -18.05
CA THR A 70 31.50 23.30 -18.10
C THR A 70 31.36 22.24 -17.02
N VAL A 71 31.53 20.98 -17.40
CA VAL A 71 31.39 19.82 -16.52
C VAL A 71 32.45 18.79 -16.88
N LYS A 72 32.77 17.89 -15.95
CA LYS A 72 33.72 16.81 -16.14
C LYS A 72 33.11 15.79 -17.12
N GLU A 73 33.96 15.19 -17.98
CA GLU A 73 33.60 14.21 -19.00
C GLU A 73 32.70 13.08 -18.47
N ASP A 74 33.09 12.45 -17.34
CA ASP A 74 32.36 11.34 -16.72
C ASP A 74 30.94 11.70 -16.26
N GLN A 75 30.62 13.00 -16.18
CA GLN A 75 29.29 13.49 -15.80
C GLN A 75 28.35 13.60 -17.00
N VAL A 76 28.92 13.52 -18.22
CA VAL A 76 28.20 13.64 -19.49
C VAL A 76 27.60 12.27 -19.93
N LEU A 77 26.26 12.24 -20.12
CA LEU A 77 25.56 11.04 -20.54
C LEU A 77 24.90 11.24 -21.91
N GLN A 78 24.99 10.24 -22.78
CA GLN A 78 24.46 10.25 -24.15
C GLN A 78 22.93 10.26 -24.25
N GLN A 79 22.38 11.05 -25.18
CA GLN A 79 20.94 11.06 -25.43
C GLN A 79 20.61 9.89 -26.35
N ASN A 80 19.47 9.25 -26.11
CA ASN A 80 18.99 8.16 -26.95
C ASN A 80 18.52 8.74 -28.29
N PRO A 81 18.64 7.98 -29.41
CA PRO A 81 18.18 8.50 -30.71
C PRO A 81 16.70 8.93 -30.68
N PRO A 82 16.28 9.89 -31.54
CA PRO A 82 14.85 10.28 -31.58
C PRO A 82 13.84 9.12 -31.79
N LYS A 83 14.29 7.96 -32.33
CA LYS A 83 13.39 6.84 -32.54
C LYS A 83 12.96 6.15 -31.23
N PHE A 84 13.73 6.37 -30.14
CA PHE A 84 13.46 5.84 -28.82
C PHE A 84 12.71 6.88 -27.99
N ASP A 85 12.23 7.98 -28.61
CA ASP A 85 11.47 8.99 -27.89
C ASP A 85 10.15 8.34 -27.45
N LYS A 86 9.72 8.62 -26.20
CA LYS A 86 8.47 8.10 -25.61
C LYS A 86 8.32 6.57 -25.75
N ILE A 87 9.46 5.84 -25.71
CA ILE A 87 9.46 4.38 -25.82
C ILE A 87 8.58 3.72 -24.71
N GLU A 88 7.85 2.68 -25.09
CA GLU A 88 6.93 1.96 -24.20
C GLU A 88 7.63 1.06 -23.16
N ASP A 89 8.84 0.55 -23.49
CA ASP A 89 9.63 -0.28 -22.58
C ASP A 89 11.06 0.25 -22.50
N MET A 90 11.42 0.83 -21.35
CA MET A 90 12.74 1.45 -21.17
C MET A 90 13.88 0.41 -21.16
N ALA A 91 13.57 -0.91 -21.07
CA ALA A 91 14.60 -1.94 -21.21
C ALA A 91 15.19 -2.03 -22.65
N MET A 92 14.50 -1.43 -23.64
N MET A 92 14.49 -1.43 -23.64
CA MET A 92 14.94 -1.45 -25.04
CA MET A 92 14.85 -1.40 -25.06
C MET A 92 15.75 -0.20 -25.46
C MET A 92 15.76 -0.22 -25.46
N LEU A 93 16.07 0.71 -24.51
CA LEU A 93 16.89 1.90 -24.78
C LEU A 93 18.34 1.53 -25.06
N THR A 94 18.99 2.23 -26.02
CA THR A 94 20.41 1.99 -26.32
C THR A 94 21.28 2.46 -25.12
N PHE A 95 20.97 3.64 -24.56
CA PHE A 95 21.65 4.16 -23.39
C PHE A 95 20.75 4.11 -22.16
N LEU A 96 21.16 3.35 -21.15
CA LEU A 96 20.37 3.24 -19.92
C LEU A 96 21.11 3.91 -18.79
N HIS A 97 20.55 5.01 -18.32
CA HIS A 97 21.09 5.87 -17.25
C HIS A 97 19.95 6.71 -16.71
N GLU A 98 20.18 7.36 -15.58
CA GLU A 98 19.20 8.16 -14.84
C GLU A 98 18.43 9.20 -15.69
N PRO A 99 19.07 10.15 -16.41
CA PRO A 99 18.29 11.09 -17.23
C PRO A 99 17.59 10.45 -18.43
N ALA A 100 18.14 9.33 -18.98
CA ALA A 100 17.46 8.64 -20.10
C ALA A 100 16.07 8.16 -19.63
N VAL A 101 16.00 7.61 -18.39
CA VAL A 101 14.77 7.11 -17.78
C VAL A 101 13.84 8.29 -17.38
N LEU A 102 14.35 9.27 -16.64
CA LEU A 102 13.61 10.47 -16.21
C LEU A 102 12.98 11.23 -17.41
N TYR A 103 13.74 11.43 -18.51
CA TYR A 103 13.25 12.15 -19.68
C TYR A 103 12.29 11.35 -20.50
N ASN A 104 12.52 10.03 -20.64
CA ASN A 104 11.56 9.15 -21.31
C ASN A 104 10.20 9.20 -20.58
N LEU A 105 10.22 9.14 -19.24
CA LEU A 105 9.01 9.17 -18.41
C LEU A 105 8.31 10.54 -18.48
N LYS A 106 9.11 11.62 -18.45
CA LYS A 106 8.63 13.00 -18.54
C LYS A 106 7.94 13.28 -19.86
N GLU A 107 8.56 12.83 -20.97
CA GLU A 107 8.05 13.01 -22.34
C GLU A 107 6.76 12.25 -22.56
N ARG A 108 6.66 11.01 -22.02
CA ARG A 108 5.45 10.22 -22.07
C ARG A 108 4.36 10.93 -21.25
N TYR A 109 4.69 11.37 -20.02
CA TYR A 109 3.78 12.09 -19.12
C TYR A 109 3.21 13.36 -19.73
N ALA A 110 4.05 14.12 -20.47
CA ALA A 110 3.66 15.35 -21.17
C ALA A 110 2.56 15.09 -22.23
N SER A 111 2.48 13.85 -22.73
CA SER A 111 1.50 13.38 -23.70
C SER A 111 0.39 12.60 -23.01
N TRP A 112 0.34 12.65 -21.65
CA TRP A 112 -0.66 11.97 -20.82
C TRP A 112 -0.59 10.43 -21.00
N MET A 113 0.61 9.89 -21.26
CA MET A 113 0.89 8.45 -21.36
C MET A 113 1.52 8.16 -20.01
N ILE A 114 0.67 7.83 -19.02
CA ILE A 114 1.05 7.68 -17.60
C ILE A 114 1.66 6.33 -17.20
N TYR A 115 1.60 5.32 -18.07
CA TYR A 115 2.24 4.03 -17.75
C TYR A 115 3.45 3.82 -18.66
N THR A 116 4.52 3.25 -18.13
CA THR A 116 5.73 2.90 -18.89
C THR A 116 6.34 1.58 -18.40
N TYR A 117 6.68 0.66 -19.33
CA TYR A 117 7.36 -0.58 -18.97
C TYR A 117 8.83 -0.32 -18.69
N SER A 118 9.33 -1.04 -17.68
CA SER A 118 10.71 -0.94 -17.16
C SER A 118 11.16 -2.38 -17.00
N GLY A 119 11.47 -3.03 -18.11
CA GLY A 119 11.81 -4.45 -18.08
C GLY A 119 10.55 -5.26 -17.84
N LEU A 120 10.55 -6.12 -16.82
CA LEU A 120 9.40 -6.95 -16.48
C LEU A 120 8.33 -6.25 -15.62
N PHE A 121 8.65 -5.11 -15.01
CA PHE A 121 7.72 -4.36 -14.18
C PHE A 121 7.25 -3.06 -14.85
N CYS A 122 6.33 -2.33 -14.19
CA CYS A 122 5.74 -1.10 -14.75
C CYS A 122 5.87 0.10 -13.84
N VAL A 123 6.04 1.29 -14.43
CA VAL A 123 6.13 2.54 -13.67
C VAL A 123 4.90 3.40 -14.05
N THR A 124 4.29 4.07 -13.07
CA THR A 124 3.16 4.93 -13.42
C THR A 124 3.28 6.27 -12.74
N ILE A 125 2.93 7.36 -13.42
CA ILE A 125 3.06 8.70 -12.82
C ILE A 125 1.67 9.31 -12.67
N ASN A 126 1.33 9.71 -11.42
CA ASN A 126 0.02 10.29 -11.11
C ASN A 126 -0.37 11.49 -12.00
N PRO A 127 -1.42 11.37 -12.84
CA PRO A 127 -1.81 12.51 -13.69
C PRO A 127 -2.55 13.61 -12.95
N TYR A 128 -3.19 13.31 -11.77
CA TYR A 128 -4.01 14.27 -11.00
C TYR A 128 -5.20 14.85 -11.81
N TRP A 130 -8.70 13.25 -14.64
CA TRP A 130 -9.38 12.16 -15.32
C TRP A 130 -8.87 12.10 -16.76
N LEU A 131 -8.51 10.90 -17.22
CA LEU A 131 -8.07 10.66 -18.58
C LEU A 131 -9.03 9.62 -19.22
N PRO A 132 -9.25 9.66 -20.56
CA PRO A 132 -10.17 8.70 -21.18
C PRO A 132 -9.53 7.33 -21.49
N VAL A 133 -8.76 6.78 -20.54
CA VAL A 133 -8.00 5.56 -20.76
C VAL A 133 -8.55 4.35 -20.02
N TYR A 134 -9.64 4.51 -19.24
CA TYR A 134 -10.17 3.40 -18.45
C TYR A 134 -11.60 2.97 -18.80
N ASN A 135 -12.11 3.31 -19.98
CA ASN A 135 -13.47 2.94 -20.40
C ASN A 135 -13.61 1.46 -20.77
N ALA A 136 -14.86 0.99 -21.00
CA ALA A 136 -15.20 -0.40 -21.33
C ALA A 136 -14.67 -0.89 -22.68
N GLU A 137 -14.51 0.04 -23.65
CA GLU A 137 -13.96 -0.24 -24.98
C GLU A 137 -12.45 -0.48 -24.85
N VAL A 138 -11.85 0.17 -23.84
CA VAL A 138 -10.45 -0.01 -23.58
C VAL A 138 -10.25 -1.36 -22.89
N VAL A 139 -11.11 -1.71 -21.90
CA VAL A 139 -10.94 -3.00 -21.21
C VAL A 139 -11.11 -4.14 -22.23
N ALA A 140 -12.11 -4.05 -23.12
CA ALA A 140 -12.38 -5.05 -24.15
C ALA A 140 -11.21 -5.21 -25.14
N ALA A 141 -10.55 -4.10 -25.49
CA ALA A 141 -9.41 -4.14 -26.42
C ALA A 141 -8.14 -4.71 -25.77
N TYR A 142 -8.02 -4.64 -24.42
CA TYR A 142 -6.82 -5.17 -23.77
C TYR A 142 -6.85 -6.66 -23.53
N ARG A 143 -8.06 -7.27 -23.53
CA ARG A 143 -8.28 -8.71 -23.28
C ARG A 143 -7.42 -9.61 -24.18
N GLY A 144 -6.57 -10.40 -23.54
CA GLY A 144 -5.69 -11.36 -24.20
C GLY A 144 -4.59 -10.77 -25.06
N LYS A 145 -4.34 -9.46 -24.96
CA LYS A 145 -3.27 -8.84 -25.72
C LYS A 145 -1.92 -9.13 -25.05
N LYS A 146 -0.90 -9.44 -25.86
CA LYS A 146 0.46 -9.66 -25.37
C LYS A 146 1.04 -8.27 -25.10
N ARG A 147 1.94 -8.18 -24.10
CA ARG A 147 2.57 -6.95 -23.61
C ARG A 147 2.96 -5.93 -24.69
N SER A 148 3.60 -6.40 -25.78
CA SER A 148 4.08 -5.54 -26.87
C SER A 148 3.00 -5.05 -27.85
N GLU A 149 1.94 -5.84 -28.12
CA GLU A 149 0.89 -5.48 -29.10
C GLU A 149 -0.16 -4.45 -28.56
N ALA A 150 0.07 -3.90 -27.37
CA ALA A 150 -0.79 -2.91 -26.73
C ALA A 150 0.07 -1.92 -25.93
N PRO A 151 -0.37 -0.66 -25.72
CA PRO A 151 0.45 0.29 -24.92
C PRO A 151 0.53 -0.07 -23.43
N PRO A 152 1.57 0.38 -22.68
CA PRO A 152 1.63 0.10 -21.24
C PRO A 152 0.38 0.61 -20.53
N HIS A 153 -0.16 -0.22 -19.65
CA HIS A 153 -1.41 0.04 -18.94
C HIS A 153 -1.57 -0.95 -17.79
N ILE A 154 -2.30 -0.49 -16.76
CA ILE A 154 -2.69 -1.30 -15.62
C ILE A 154 -3.55 -2.50 -16.07
N PHE A 155 -4.32 -2.35 -17.18
CA PHE A 155 -5.18 -3.41 -17.72
C PHE A 155 -4.34 -4.53 -18.33
N SER A 156 -3.18 -4.16 -18.91
CA SER A 156 -2.23 -5.11 -19.50
C SER A 156 -1.43 -5.84 -18.40
N ILE A 157 -1.15 -5.16 -17.28
CA ILE A 157 -0.49 -5.77 -16.13
C ILE A 157 -1.49 -6.83 -15.60
N SER A 158 -2.80 -6.42 -15.44
CA SER A 158 -3.90 -7.28 -14.99
C SER A 158 -4.05 -8.47 -15.94
N ASP A 159 -4.15 -8.22 -17.27
CA ASP A 159 -4.26 -9.30 -18.26
C ASP A 159 -3.05 -10.26 -18.29
N ASN A 160 -1.80 -9.74 -18.21
CA ASN A 160 -0.60 -10.59 -18.24
C ASN A 160 -0.53 -11.53 -17.04
N ALA A 161 -0.91 -11.05 -15.84
CA ALA A 161 -0.97 -11.88 -14.61
C ALA A 161 -2.03 -12.98 -14.83
N TYR A 162 -3.15 -12.62 -15.48
CA TYR A 162 -4.24 -13.56 -15.78
C TYR A 162 -3.79 -14.69 -16.71
N GLN A 163 -2.99 -14.34 -17.75
CA GLN A 163 -2.46 -15.29 -18.73
C GLN A 163 -1.43 -16.24 -18.08
N TYR A 164 -0.54 -15.71 -17.20
CA TYR A 164 0.44 -16.55 -16.44
C TYR A 164 -0.30 -17.48 -15.48
N MET A 165 -1.32 -16.95 -14.78
CA MET A 165 -2.15 -17.74 -13.86
C MET A 165 -2.71 -19.00 -14.55
N LEU A 166 -3.36 -18.84 -15.73
CA LEU A 166 -3.93 -19.96 -16.50
C LEU A 166 -2.89 -20.85 -17.18
N THR A 167 -1.80 -20.27 -17.69
CA THR A 167 -0.77 -21.08 -18.37
C THR A 167 0.08 -21.89 -17.41
N ASP A 168 0.53 -21.26 -16.30
CA ASP A 168 1.41 -21.92 -15.33
C ASP A 168 0.68 -22.64 -14.23
N ARG A 169 -0.62 -22.35 -14.08
CA ARG A 169 -1.46 -22.91 -13.02
C ARG A 169 -0.91 -22.53 -11.64
N GLU A 170 -0.66 -21.23 -11.43
CA GLU A 170 -0.15 -20.77 -10.12
C GLU A 170 -0.67 -19.40 -9.72
N ASN A 171 -0.70 -19.12 -8.41
CA ASN A 171 -1.24 -17.87 -7.89
C ASN A 171 -0.37 -16.69 -8.24
N GLN A 172 -0.99 -15.53 -8.45
CA GLN A 172 -0.29 -14.30 -8.84
C GLN A 172 -0.53 -13.21 -7.83
N SER A 173 0.38 -12.23 -7.80
CA SER A 173 0.24 -11.06 -6.96
C SER A 173 0.58 -9.81 -7.76
N ILE A 174 -0.17 -8.71 -7.51
CA ILE A 174 0.02 -7.41 -8.15
C ILE A 174 0.40 -6.48 -7.02
N LEU A 175 1.68 -6.14 -6.97
CA LEU A 175 2.22 -5.37 -5.85
C LEU A 175 2.49 -3.92 -6.26
N ILE A 176 1.61 -3.02 -5.77
CA ILE A 176 1.56 -1.61 -6.17
C ILE A 176 2.22 -0.72 -5.11
N THR A 177 3.46 -0.26 -5.39
CA THR A 177 4.26 0.55 -4.48
C THR A 177 4.11 2.06 -4.72
N GLY A 178 4.53 2.83 -3.73
CA GLY A 178 4.58 4.28 -3.81
C GLY A 178 4.29 5.03 -2.54
N GLU A 179 4.70 6.31 -2.50
CA GLU A 179 4.48 7.19 -1.34
C GLU A 179 2.99 7.56 -1.27
N SER A 180 2.56 8.13 -0.13
CA SER A 180 1.19 8.62 0.04
C SER A 180 0.85 9.64 -1.09
N GLY A 181 -0.19 9.31 -1.86
CA GLY A 181 -0.70 10.13 -2.94
C GLY A 181 -0.23 9.75 -4.33
N ALA A 182 0.62 8.70 -4.46
CA ALA A 182 1.19 8.27 -5.73
C ALA A 182 0.20 7.60 -6.70
N GLY A 183 -0.89 7.02 -6.19
CA GLY A 183 -1.92 6.37 -7.01
C GLY A 183 -2.13 4.88 -6.79
N LYS A 184 -1.66 4.31 -5.66
CA LYS A 184 -1.78 2.86 -5.34
C LYS A 184 -3.22 2.37 -5.30
N THR A 185 -4.09 3.10 -4.57
CA THR A 185 -5.53 2.81 -4.43
C THR A 185 -6.23 2.95 -5.78
N VAL A 186 -5.93 4.00 -6.56
CA VAL A 186 -6.58 4.14 -7.89
C VAL A 186 -6.20 2.95 -8.76
N ASN A 187 -4.90 2.61 -8.80
CA ASN A 187 -4.42 1.49 -9.58
C ASN A 187 -4.99 0.15 -9.13
N THR A 188 -5.25 0.00 -7.82
CA THR A 188 -5.88 -1.21 -7.25
C THR A 188 -7.31 -1.30 -7.71
N LYS A 189 -8.05 -0.18 -7.66
CA LYS A 189 -9.46 -0.16 -8.10
C LYS A 189 -9.61 -0.43 -9.61
N ARG A 190 -8.56 -0.11 -10.40
CA ARG A 190 -8.55 -0.32 -11.83
C ARG A 190 -8.30 -1.80 -12.16
N VAL A 191 -7.51 -2.49 -11.32
CA VAL A 191 -7.25 -3.93 -11.45
C VAL A 191 -8.56 -4.67 -11.19
N ILE A 192 -9.25 -4.32 -10.08
CA ILE A 192 -10.55 -4.90 -9.71
C ILE A 192 -11.59 -4.66 -10.83
N GLN A 193 -11.70 -3.40 -11.32
CA GLN A 193 -12.61 -3.01 -12.42
C GLN A 193 -12.35 -3.87 -13.66
N TYR A 194 -11.08 -4.10 -14.03
CA TYR A 194 -10.74 -4.90 -15.22
C TYR A 194 -11.34 -6.31 -15.12
N PHE A 195 -11.02 -7.06 -14.04
CA PHE A 195 -11.53 -8.43 -13.89
C PHE A 195 -13.04 -8.52 -13.73
N ALA A 196 -13.67 -7.56 -13.02
CA ALA A 196 -15.14 -7.54 -12.86
C ALA A 196 -15.87 -7.25 -14.19
N VAL A 197 -15.31 -6.36 -15.05
CA VAL A 197 -15.90 -6.03 -16.35
C VAL A 197 -15.70 -7.21 -17.29
N ILE A 198 -14.50 -7.87 -17.25
CA ILE A 198 -14.26 -9.06 -18.08
C ILE A 198 -15.31 -10.15 -17.71
N ALA A 199 -15.50 -10.42 -16.40
CA ALA A 199 -16.48 -11.38 -15.88
C ALA A 199 -17.92 -11.02 -16.23
N ALA A 200 -18.25 -9.71 -16.28
CA ALA A 200 -19.59 -9.19 -16.61
C ALA A 200 -19.99 -9.55 -18.06
N ILE A 201 -18.99 -9.60 -18.98
CA ILE A 201 -19.18 -9.98 -20.38
C ILE A 201 -19.46 -11.50 -20.52
N GLY A 202 -18.69 -12.32 -19.79
CA GLY A 202 -18.82 -13.77 -19.78
C GLY A 202 -19.81 -14.26 -18.75
N GLY A 212 -26.05 -10.77 -1.68
CA GLY A 212 -26.65 -9.46 -1.42
C GLY A 212 -27.45 -8.90 -2.57
N LYS A 213 -27.64 -7.57 -2.56
CA LYS A 213 -28.40 -6.81 -3.56
C LYS A 213 -27.55 -6.43 -4.82
N GLY A 214 -26.85 -7.44 -5.37
CA GLY A 214 -26.02 -7.31 -6.55
C GLY A 214 -25.16 -8.54 -6.82
N THR A 215 -24.72 -8.71 -8.08
CA THR A 215 -23.85 -9.83 -8.52
C THR A 215 -22.48 -9.74 -7.79
N LEU A 216 -21.64 -10.81 -7.87
CA LEU A 216 -20.31 -10.84 -7.26
C LEU A 216 -19.45 -9.68 -7.78
N GLU A 217 -19.48 -9.44 -9.11
CA GLU A 217 -18.78 -8.36 -9.83
C GLU A 217 -19.14 -7.02 -9.23
N ASP A 218 -20.44 -6.75 -9.03
CA ASP A 218 -20.96 -5.50 -8.47
C ASP A 218 -20.54 -5.32 -7.00
N GLN A 219 -20.44 -6.41 -6.26
CA GLN A 219 -20.07 -6.42 -4.85
C GLN A 219 -18.59 -6.19 -4.62
N ILE A 220 -17.69 -6.75 -5.47
CA ILE A 220 -16.23 -6.55 -5.31
C ILE A 220 -15.90 -5.06 -5.50
N ILE A 221 -16.59 -4.41 -6.45
CA ILE A 221 -16.46 -3.00 -6.75
C ILE A 221 -16.94 -2.13 -5.56
N GLN A 222 -18.05 -2.52 -4.92
CA GLN A 222 -18.61 -1.79 -3.78
C GLN A 222 -17.87 -1.98 -2.45
N ALA A 223 -16.92 -2.93 -2.35
CA ALA A 223 -16.16 -3.16 -1.12
C ALA A 223 -15.28 -1.93 -0.76
N ASN A 224 -14.66 -1.29 -1.77
CA ASN A 224 -13.79 -0.13 -1.64
C ASN A 224 -14.54 1.13 -1.14
N PRO A 225 -15.67 1.60 -1.75
CA PRO A 225 -16.41 2.75 -1.15
C PRO A 225 -16.77 2.59 0.33
N ALA A 226 -17.13 1.37 0.74
CA ALA A 226 -17.52 1.03 2.11
C ALA A 226 -16.32 1.10 3.06
N LEU A 227 -15.19 0.51 2.66
CA LEU A 227 -13.99 0.51 3.48
C LEU A 227 -13.36 1.89 3.55
N GLU A 228 -13.47 2.69 2.47
CA GLU A 228 -12.91 4.03 2.34
C GLU A 228 -13.55 5.06 3.23
N ALA A 229 -14.87 4.98 3.45
CA ALA A 229 -15.55 5.91 4.35
C ALA A 229 -15.02 5.78 5.79
N PHE A 230 -14.66 4.55 6.21
CA PHE A 230 -14.19 4.26 7.56
C PHE A 230 -12.67 4.15 7.72
N GLY A 231 -11.96 3.78 6.66
CA GLY A 231 -10.52 3.55 6.70
C GLY A 231 -9.63 4.56 6.00
N ASN A 232 -10.22 5.53 5.27
CA ASN A 232 -9.50 6.58 4.54
C ASN A 232 -9.78 7.98 5.12
N ALA A 233 -8.86 8.92 4.90
CA ALA A 233 -9.00 10.28 5.41
C ALA A 233 -8.09 11.24 4.69
N LYS A 234 -8.38 12.54 4.88
CA LYS A 234 -7.59 13.63 4.34
C LYS A 234 -6.38 13.90 5.22
N THR A 235 -5.20 13.75 4.64
CA THR A 235 -3.94 14.11 5.26
C THR A 235 -3.36 15.23 4.36
N VAL A 236 -2.15 15.71 4.66
CA VAL A 236 -1.49 16.71 3.84
C VAL A 236 -1.07 16.18 2.46
N ARG A 237 -0.72 14.90 2.36
CA ARG A 237 -0.24 14.35 1.11
C ARG A 237 -1.33 13.80 0.18
N ASN A 238 -2.45 13.37 0.77
CA ASN A 238 -3.54 12.80 0.01
C ASN A 238 -4.90 13.15 0.64
N ASP A 239 -5.81 13.70 -0.18
CA ASP A 239 -7.18 14.02 0.24
C ASP A 239 -7.97 12.74 0.56
N ASN A 240 -7.50 11.58 0.07
CA ASN A 240 -8.15 10.29 0.31
C ASN A 240 -7.12 9.24 0.70
N SER A 241 -6.28 9.57 1.71
CA SER A 241 -5.24 8.69 2.18
C SER A 241 -5.80 7.41 2.79
N SER A 242 -5.22 6.26 2.42
CA SER A 242 -5.58 4.94 2.96
C SER A 242 -4.87 4.82 4.33
N ARG A 243 -5.65 4.75 5.42
CA ARG A 243 -5.08 4.71 6.77
C ARG A 243 -4.97 3.28 7.31
N PHE A 244 -4.99 2.27 6.41
CA PHE A 244 -4.87 0.82 6.69
C PHE A 244 -4.34 0.21 5.38
N GLY A 245 -3.65 -0.93 5.47
CA GLY A 245 -3.20 -1.65 4.29
C GLY A 245 -4.20 -2.73 3.96
N LYS A 246 -4.21 -3.22 2.71
CA LYS A 246 -5.12 -4.28 2.30
C LYS A 246 -4.54 -5.17 1.19
N PHE A 247 -4.89 -6.45 1.29
CA PHE A 247 -4.54 -7.44 0.30
C PHE A 247 -5.86 -8.10 -0.14
N ILE A 248 -6.25 -7.87 -1.41
CA ILE A 248 -7.48 -8.39 -1.96
C ILE A 248 -7.18 -9.61 -2.85
N ARG A 249 -7.73 -10.77 -2.49
CA ARG A 249 -7.55 -11.97 -3.31
C ARG A 249 -8.75 -12.13 -4.22
N ILE A 250 -8.50 -12.21 -5.52
CA ILE A 250 -9.57 -12.44 -6.49
C ILE A 250 -9.42 -13.90 -6.95
N HIS A 251 -10.42 -14.73 -6.62
CA HIS A 251 -10.39 -16.16 -6.95
C HIS A 251 -11.01 -16.45 -8.30
N PHE A 252 -10.43 -17.43 -9.03
CA PHE A 252 -10.85 -17.84 -10.35
C PHE A 252 -10.91 -19.32 -10.46
N GLY A 253 -11.84 -19.81 -11.28
CA GLY A 253 -11.94 -21.24 -11.58
C GLY A 253 -10.86 -21.64 -12.57
N ALA A 254 -10.81 -22.95 -12.91
CA ALA A 254 -9.83 -23.58 -13.79
C ALA A 254 -9.69 -22.94 -15.18
N THR A 255 -10.80 -22.46 -15.77
CA THR A 255 -10.77 -21.83 -17.10
C THR A 255 -10.74 -20.30 -17.03
N GLY A 256 -10.70 -19.75 -15.83
CA GLY A 256 -10.62 -18.31 -15.62
C GLY A 256 -11.87 -17.55 -15.28
N LYS A 257 -12.96 -18.22 -14.92
CA LYS A 257 -14.20 -17.54 -14.53
C LYS A 257 -14.02 -16.94 -13.12
N LEU A 258 -14.51 -15.71 -12.89
CA LEU A 258 -14.47 -15.05 -11.58
C LEU A 258 -15.35 -15.84 -10.61
N ALA A 259 -14.73 -16.38 -9.56
CA ALA A 259 -15.41 -17.25 -8.62
C ALA A 259 -15.76 -16.62 -7.27
N SER A 260 -14.81 -15.87 -6.70
CA SER A 260 -14.96 -15.33 -5.35
C SER A 260 -13.89 -14.25 -5.12
N ALA A 261 -13.90 -13.64 -3.93
CA ALA A 261 -12.92 -12.66 -3.47
C ALA A 261 -12.87 -12.63 -1.94
N ASP A 262 -11.73 -12.22 -1.39
CA ASP A 262 -11.57 -12.03 0.04
C ASP A 262 -10.62 -10.87 0.28
N ILE A 263 -10.79 -10.20 1.42
CA ILE A 263 -10.01 -9.02 1.79
C ILE A 263 -9.37 -9.22 3.14
N GLU A 264 -8.07 -8.94 3.23
CA GLU A 264 -7.38 -8.91 4.53
C GLU A 264 -6.87 -7.47 4.72
N THR A 265 -7.13 -6.87 5.88
CA THR A 265 -6.66 -5.50 6.17
C THR A 265 -5.58 -5.52 7.24
N TYR A 266 -4.73 -4.50 7.28
CA TYR A 266 -3.64 -4.43 8.26
C TYR A 266 -3.75 -3.16 9.06
N LEU A 267 -3.18 -3.16 10.26
CA LEU A 267 -3.12 -2.07 11.24
C LEU A 267 -3.79 -0.75 10.82
N LEU A 268 -5.04 -0.54 11.30
CA LEU A 268 -5.79 0.70 11.07
C LEU A 268 -5.23 1.74 12.04
N GLU A 269 -5.12 3.01 11.60
CA GLU A 269 -4.60 4.13 12.41
C GLU A 269 -5.69 4.68 13.35
N LYS A 270 -5.97 3.90 14.42
CA LYS A 270 -6.93 4.10 15.52
C LYS A 270 -6.92 5.54 16.05
N SER A 271 -5.72 6.11 16.25
CA SER A 271 -5.48 7.44 16.82
C SER A 271 -6.23 8.59 16.13
N ARG A 272 -6.46 8.49 14.78
CA ARG A 272 -7.14 9.51 14.00
C ARG A 272 -8.59 9.77 14.46
N VAL A 273 -9.24 8.74 15.04
CA VAL A 273 -10.62 8.78 15.53
C VAL A 273 -10.84 9.93 16.53
N ILE A 274 -9.83 10.17 17.35
CA ILE A 274 -9.90 11.13 18.44
C ILE A 274 -8.89 12.27 18.30
N PHE A 275 -7.94 12.16 17.35
CA PHE A 275 -6.90 13.17 17.17
C PHE A 275 -6.63 13.53 15.71
N GLN A 276 -6.41 14.84 15.44
CA GLN A 276 -6.01 15.32 14.12
C GLN A 276 -4.94 16.37 14.26
N LEU A 277 -3.99 16.38 13.32
CA LEU A 277 -3.02 17.47 13.20
C LEU A 277 -3.75 18.65 12.51
N LYS A 278 -3.08 19.82 12.44
CA LYS A 278 -3.62 21.06 11.86
C LYS A 278 -4.25 20.89 10.46
N ALA A 279 -3.51 20.34 9.47
CA ALA A 279 -4.04 20.25 8.09
C ALA A 279 -4.60 18.87 7.70
N GLU A 280 -5.27 18.21 8.65
CA GLU A 280 -5.85 16.92 8.35
C GLU A 280 -7.25 16.77 8.97
N ARG A 281 -7.99 15.76 8.49
CA ARG A 281 -9.33 15.43 8.91
C ARG A 281 -9.34 14.05 9.59
N ASP A 282 -10.44 13.76 10.30
CA ASP A 282 -10.73 12.46 10.88
C ASP A 282 -11.19 11.59 9.67
N TYR A 283 -11.62 10.34 9.91
CA TYR A 283 -12.13 9.49 8.83
C TYR A 283 -13.35 10.09 8.12
N HIS A 284 -13.44 9.89 6.79
CA HIS A 284 -14.48 10.46 5.91
C HIS A 284 -15.91 10.41 6.50
N ILE A 285 -16.27 9.25 7.03
CA ILE A 285 -17.61 8.90 7.53
C ILE A 285 -18.23 9.97 8.44
N PHE A 286 -17.46 10.54 9.37
CA PHE A 286 -17.95 11.54 10.30
C PHE A 286 -18.57 12.73 9.56
N TYR A 287 -17.84 13.23 8.56
CA TYR A 287 -18.26 14.36 7.72
C TYR A 287 -19.33 13.97 6.72
N GLN A 288 -19.35 12.68 6.28
CA GLN A 288 -20.38 12.16 5.37
C GLN A 288 -21.72 12.19 6.07
N ILE A 289 -21.76 11.76 7.35
CA ILE A 289 -22.98 11.79 8.18
C ILE A 289 -23.45 13.24 8.44
N LEU A 290 -22.52 14.14 8.81
CA LEU A 290 -22.83 15.53 9.16
C LEU A 290 -23.31 16.38 7.99
N SER A 291 -23.05 15.92 6.75
CA SER A 291 -23.45 16.60 5.51
C SER A 291 -24.95 16.89 5.47
N ASN A 292 -25.73 16.23 6.34
CA ASN A 292 -27.19 16.33 6.47
C ASN A 292 -27.93 15.80 5.21
N LYS A 293 -27.18 15.12 4.28
CA LYS A 293 -27.76 14.49 3.06
C LYS A 293 -28.78 13.39 3.46
N LYS A 294 -28.70 12.93 4.71
CA LYS A 294 -29.67 12.00 5.29
C LYS A 294 -30.13 12.61 6.64
N PRO A 295 -31.21 13.45 6.65
CA PRO A 295 -31.65 14.07 7.92
C PRO A 295 -32.05 13.07 8.99
N GLU A 296 -32.57 11.89 8.58
CA GLU A 296 -32.96 10.80 9.47
C GLU A 296 -31.78 10.33 10.33
N LEU A 297 -30.56 10.34 9.73
CA LEU A 297 -29.32 9.95 10.42
C LEU A 297 -28.99 10.88 11.59
N LEU A 298 -29.12 12.22 11.37
CA LEU A 298 -28.87 13.25 12.38
C LEU A 298 -29.84 13.15 13.57
N ASP A 299 -31.11 12.85 13.30
CA ASP A 299 -32.16 12.67 14.32
C ASP A 299 -31.96 11.36 15.10
N MET A 300 -31.51 10.29 14.40
CA MET A 300 -31.24 8.96 14.97
C MET A 300 -29.97 8.98 15.85
N LEU A 301 -28.94 9.76 15.46
CA LEU A 301 -27.69 9.84 16.23
C LEU A 301 -27.69 10.94 17.29
N LEU A 302 -28.78 11.74 17.37
CA LEU A 302 -28.98 12.86 18.31
C LEU A 302 -27.88 13.93 18.19
N ILE A 303 -27.36 14.12 16.94
CA ILE A 303 -26.30 15.06 16.57
C ILE A 303 -26.80 16.28 15.82
N THR A 304 -25.98 17.33 15.80
CA THR A 304 -26.22 18.57 15.06
C THR A 304 -25.55 18.38 13.67
N ASN A 305 -25.65 19.39 12.80
CA ASN A 305 -25.06 19.38 11.45
C ASN A 305 -23.61 19.93 11.44
N ASN A 306 -23.17 20.53 12.57
CA ASN A 306 -21.86 21.15 12.69
C ASN A 306 -20.77 20.22 13.27
N PRO A 307 -19.71 19.92 12.46
CA PRO A 307 -18.59 19.11 12.97
C PRO A 307 -17.81 19.76 14.13
N TYR A 308 -17.80 21.12 14.21
CA TYR A 308 -17.11 21.89 15.25
C TYR A 308 -17.78 21.74 16.64
N ASP A 309 -18.97 21.10 16.70
CA ASP A 309 -19.66 20.81 17.97
C ASP A 309 -19.12 19.51 18.60
N TYR A 310 -18.21 18.82 17.89
CA TYR A 310 -17.65 17.52 18.29
C TYR A 310 -16.15 17.56 18.33
N ALA A 311 -15.63 17.51 19.56
CA ALA A 311 -14.22 17.60 19.90
C ALA A 311 -13.30 16.63 19.17
N PHE A 312 -13.69 15.34 19.12
CA PHE A 312 -12.88 14.27 18.51
C PHE A 312 -12.55 14.46 17.05
N ILE A 313 -13.48 15.07 16.30
CA ILE A 313 -13.39 15.19 14.84
C ILE A 313 -13.09 16.59 14.29
N SER A 314 -12.86 17.61 15.14
CA SER A 314 -12.67 18.97 14.61
C SER A 314 -11.36 19.67 15.07
N GLN A 315 -10.31 18.88 15.33
CA GLN A 315 -9.01 19.42 15.74
C GLN A 315 -8.19 20.01 14.57
N GLY A 316 -8.52 19.58 13.36
CA GLY A 316 -7.84 20.05 12.16
C GLY A 316 -8.82 20.68 11.20
N GLU A 317 -8.90 20.12 9.99
CA GLU A 317 -9.82 20.58 8.95
C GLU A 317 -11.10 19.73 8.97
N THR A 318 -12.25 20.31 8.52
CA THR A 318 -13.54 19.61 8.50
C THR A 318 -14.14 19.50 7.06
N THR A 319 -13.62 20.30 6.09
CA THR A 319 -14.08 20.24 4.68
C THR A 319 -12.87 20.09 3.73
N VAL A 320 -13.08 19.44 2.59
CA VAL A 320 -12.04 19.21 1.56
C VAL A 320 -12.67 19.62 0.24
N ALA A 321 -11.99 20.52 -0.52
CA ALA A 321 -12.48 21.02 -1.82
C ALA A 321 -12.75 19.92 -2.82
N SER A 322 -11.88 18.90 -2.89
CA SER A 322 -12.03 17.80 -3.84
C SER A 322 -13.10 16.78 -3.45
N ILE A 323 -13.68 16.88 -2.22
CA ILE A 323 -14.66 15.89 -1.73
C ILE A 323 -16.07 16.48 -1.48
N ASP A 324 -17.09 15.84 -2.06
CA ASP A 324 -18.50 16.15 -1.80
C ASP A 324 -18.98 15.06 -0.81
N ASP A 325 -18.94 15.39 0.50
CA ASP A 325 -19.30 14.48 1.59
C ASP A 325 -20.76 14.01 1.53
N ALA A 326 -21.67 14.85 0.94
CA ALA A 326 -23.10 14.53 0.76
C ALA A 326 -23.26 13.39 -0.23
N GLU A 327 -22.58 13.52 -1.38
CA GLU A 327 -22.52 12.54 -2.46
C GLU A 327 -21.80 11.30 -1.92
N GLU A 328 -20.73 11.48 -1.12
CA GLU A 328 -20.00 10.33 -0.57
C GLU A 328 -20.85 9.51 0.39
N LEU A 329 -21.73 10.16 1.20
CA LEU A 329 -22.66 9.47 2.12
C LEU A 329 -23.55 8.48 1.34
N MET A 330 -24.10 8.94 0.20
CA MET A 330 -24.97 8.15 -0.66
C MET A 330 -24.24 6.91 -1.20
N ALA A 331 -23.00 7.11 -1.69
CA ALA A 331 -22.13 6.07 -2.21
C ALA A 331 -21.85 5.03 -1.14
N THR A 332 -21.60 5.47 0.12
CA THR A 332 -21.34 4.57 1.27
C THR A 332 -22.61 3.74 1.57
N ASP A 333 -23.73 4.42 1.81
CA ASP A 333 -25.00 3.80 2.10
C ASP A 333 -25.38 2.78 1.01
N ASN A 334 -25.24 3.16 -0.29
CA ASN A 334 -25.51 2.25 -1.42
C ASN A 334 -24.59 1.02 -1.42
N ALA A 335 -23.26 1.21 -1.14
CA ALA A 335 -22.29 0.13 -1.04
C ALA A 335 -22.75 -0.92 -0.01
N PHE A 336 -23.23 -0.49 1.20
CA PHE A 336 -23.73 -1.40 2.24
C PHE A 336 -24.93 -2.22 1.72
N ASP A 337 -25.82 -1.57 0.95
CA ASP A 337 -26.97 -2.25 0.35
C ASP A 337 -26.51 -3.31 -0.64
N VAL A 338 -25.64 -2.94 -1.60
CA VAL A 338 -25.08 -3.84 -2.64
C VAL A 338 -24.34 -5.03 -2.00
N LEU A 339 -23.70 -4.80 -0.84
CA LEU A 339 -23.02 -5.85 -0.10
C LEU A 339 -23.98 -6.64 0.82
N GLY A 340 -25.28 -6.40 0.68
CA GLY A 340 -26.33 -7.08 1.43
C GLY A 340 -26.31 -6.89 2.93
N PHE A 341 -25.97 -5.67 3.41
CA PHE A 341 -26.02 -5.37 4.83
C PHE A 341 -27.48 -5.11 5.15
N THR A 342 -27.94 -5.49 6.34
CA THR A 342 -29.33 -5.29 6.73
C THR A 342 -29.51 -3.86 7.20
N THR A 343 -30.76 -3.42 7.44
CA THR A 343 -31.05 -2.08 7.94
C THR A 343 -30.48 -1.95 9.37
N GLU A 344 -30.68 -3.01 10.19
CA GLU A 344 -30.20 -3.12 11.56
C GLU A 344 -28.67 -3.07 11.65
N GLU A 345 -27.96 -3.67 10.66
CA GLU A 345 -26.49 -3.69 10.60
C GLU A 345 -25.94 -2.30 10.23
N LYS A 346 -26.59 -1.62 9.26
CA LYS A 346 -26.24 -0.28 8.82
C LYS A 346 -26.48 0.74 9.93
N ASN A 347 -27.69 0.73 10.54
CA ASN A 347 -28.08 1.61 11.64
C ASN A 347 -27.17 1.50 12.83
N SER A 348 -26.69 0.28 13.16
CA SER A 348 -25.78 0.02 14.29
C SER A 348 -24.41 0.63 14.04
N MET A 349 -23.91 0.57 12.79
CA MET A 349 -22.62 1.16 12.41
C MET A 349 -22.74 2.66 12.50
N TYR A 350 -23.90 3.20 12.08
CA TYR A 350 -24.17 4.62 12.16
C TYR A 350 -24.25 5.07 13.63
N LYS A 351 -24.99 4.32 14.47
CA LYS A 351 -25.19 4.61 15.89
C LYS A 351 -23.89 4.63 16.66
N LEU A 352 -22.99 3.63 16.41
CA LEU A 352 -21.68 3.54 17.05
C LEU A 352 -20.76 4.68 16.64
N THR A 353 -20.86 5.13 15.37
CA THR A 353 -20.11 6.26 14.83
C THR A 353 -20.55 7.55 15.58
N GLY A 354 -21.88 7.73 15.71
CA GLY A 354 -22.51 8.84 16.43
C GLY A 354 -22.22 8.83 17.91
N ALA A 355 -22.19 7.63 18.54
CA ALA A 355 -21.88 7.46 19.98
C ALA A 355 -20.43 7.82 20.31
N ILE A 356 -19.49 7.60 19.36
CA ILE A 356 -18.07 7.97 19.48
C ILE A 356 -18.00 9.49 19.50
N MET A 357 -18.83 10.16 18.68
CA MET A 357 -18.91 11.62 18.62
C MET A 357 -19.35 12.22 19.97
N HIS A 358 -20.40 11.65 20.61
CA HIS A 358 -20.87 12.10 21.92
C HIS A 358 -19.88 11.80 23.04
N PHE A 359 -19.16 10.64 22.92
CA PHE A 359 -18.16 10.16 23.89
C PHE A 359 -17.04 11.21 24.06
N GLY A 360 -16.65 11.82 22.93
CA GLY A 360 -15.65 12.88 22.90
C GLY A 360 -16.10 14.18 23.54
N ASN A 361 -17.43 14.40 23.64
CA ASN A 361 -17.97 15.60 24.27
C ASN A 361 -18.20 15.46 25.79
N MET A 362 -17.91 14.28 26.37
CA MET A 362 -18.05 14.01 27.81
C MET A 362 -16.98 14.79 28.64
N LYS A 363 -17.47 15.72 29.48
CA LYS A 363 -16.59 16.52 30.34
C LYS A 363 -16.40 15.93 31.75
N PHE A 364 -15.20 16.09 32.29
CA PHE A 364 -14.85 15.67 33.64
C PHE A 364 -14.14 16.83 34.37
N LYS A 365 -14.35 16.92 35.68
CA LYS A 365 -13.79 17.95 36.55
C LYS A 365 -13.28 17.29 37.85
N LEU A 366 -12.64 18.07 38.72
CA LEU A 366 -12.14 17.56 39.99
C LEU A 366 -13.22 17.55 41.07
N LYS A 367 -12.95 16.82 42.18
CA LYS A 367 -13.75 16.57 43.40
C LYS A 367 -14.67 15.37 43.23
N GLU A 371 -6.24 13.20 44.12
CA GLU A 371 -6.81 13.78 42.91
C GLU A 371 -7.77 12.78 42.25
N GLN A 372 -9.10 13.07 42.33
CA GLN A 372 -10.17 12.21 41.78
C GLN A 372 -11.11 12.98 40.82
N ALA A 373 -11.40 12.39 39.64
CA ALA A 373 -12.29 12.99 38.64
C ALA A 373 -13.74 12.57 38.81
N GLU A 374 -14.65 13.49 38.50
CA GLU A 374 -16.08 13.27 38.50
C GLU A 374 -16.68 13.89 37.23
N PRO A 375 -17.84 13.41 36.74
CA PRO A 375 -18.42 14.01 35.53
C PRO A 375 -18.80 15.49 35.70
N ASP A 376 -18.47 16.33 34.69
CA ASP A 376 -18.78 17.76 34.61
C ASP A 376 -19.92 17.86 33.61
N GLY A 377 -21.05 17.27 33.98
CA GLY A 377 -22.23 17.18 33.14
C GLY A 377 -22.51 15.73 32.81
N THR A 378 -23.71 15.44 32.31
CA THR A 378 -24.10 14.05 32.02
C THR A 378 -24.89 13.92 30.70
N GLU A 379 -25.20 15.05 30.04
CA GLU A 379 -25.97 15.10 28.78
C GLU A 379 -25.31 14.30 27.66
N GLU A 380 -24.01 14.54 27.40
CA GLU A 380 -23.21 13.83 26.39
C GLU A 380 -23.09 12.33 26.71
N ALA A 381 -22.97 11.98 28.02
CA ALA A 381 -22.91 10.61 28.54
C ALA A 381 -24.23 9.87 28.31
N ASP A 382 -25.36 10.56 28.51
CA ASP A 382 -26.72 10.03 28.29
C ASP A 382 -26.88 9.64 26.81
N LYS A 383 -26.51 10.55 25.86
CA LYS A 383 -26.59 10.35 24.40
C LYS A 383 -25.78 9.13 23.94
N SER A 384 -24.51 9.03 24.39
CA SER A 384 -23.64 7.89 24.08
C SER A 384 -24.24 6.56 24.56
N ALA A 385 -24.56 6.47 25.85
CA ALA A 385 -25.14 5.27 26.48
C ALA A 385 -26.44 4.81 25.81
N TYR A 386 -27.32 5.76 25.43
CA TYR A 386 -28.56 5.49 24.70
C TYR A 386 -28.27 4.83 23.34
N LEU A 387 -27.27 5.34 22.58
CA LEU A 387 -26.87 4.78 21.28
C LEU A 387 -26.12 3.45 21.40
N MET A 388 -25.41 3.25 22.54
CA MET A 388 -24.59 2.05 22.81
C MET A 388 -25.28 0.97 23.64
N GLY A 389 -26.58 1.16 23.91
CA GLY A 389 -27.36 0.24 24.72
C GLY A 389 -26.78 -0.01 26.10
N LEU A 390 -26.33 1.07 26.77
CA LEU A 390 -25.73 1.01 28.12
C LEU A 390 -26.49 1.93 29.07
N ASN A 391 -26.13 1.88 30.36
CA ASN A 391 -26.68 2.75 31.40
C ASN A 391 -25.63 3.87 31.60
N SER A 392 -26.07 5.13 31.47
CA SER A 392 -25.26 6.34 31.62
C SER A 392 -24.47 6.40 32.94
N ALA A 393 -25.20 6.32 34.08
CA ALA A 393 -24.65 6.33 35.44
C ALA A 393 -23.64 5.20 35.67
N ASP A 394 -23.83 4.03 35.03
CA ASP A 394 -22.91 2.89 35.14
C ASP A 394 -21.62 3.18 34.39
N LEU A 395 -21.75 3.74 33.19
CA LEU A 395 -20.63 4.10 32.31
C LEU A 395 -19.68 5.12 32.97
N LEU A 396 -20.24 6.21 33.55
CA LEU A 396 -19.50 7.27 34.21
C LEU A 396 -18.78 6.77 35.46
N LYS A 397 -19.44 5.87 36.21
CA LYS A 397 -18.91 5.20 37.42
C LYS A 397 -17.70 4.33 37.06
N GLY A 398 -17.86 3.52 36.01
CA GLY A 398 -16.78 2.69 35.46
C GLY A 398 -15.59 3.50 34.97
N LEU A 399 -15.84 4.69 34.40
CA LEU A 399 -14.78 5.58 33.90
C LEU A 399 -14.00 6.23 35.04
N CYS A 400 -14.70 6.81 36.01
CA CYS A 400 -14.09 7.45 37.15
C CYS A 400 -13.49 6.47 38.19
N HIS A 401 -14.07 5.26 38.32
CA HIS A 401 -13.61 4.27 39.32
C HIS A 401 -13.42 2.86 38.76
N PRO A 402 -12.40 2.63 37.91
CA PRO A 402 -12.17 1.27 37.39
C PRO A 402 -11.66 0.35 38.50
N ARG A 403 -11.79 -0.97 38.31
CA ARG A 403 -11.38 -1.96 39.30
C ARG A 403 -10.13 -2.69 38.89
N VAL A 404 -9.30 -3.02 39.90
CA VAL A 404 -8.07 -3.78 39.78
C VAL A 404 -8.35 -5.15 40.41
N LYS A 405 -8.08 -6.21 39.64
CA LYS A 405 -8.25 -7.62 40.02
C LYS A 405 -7.21 -8.08 41.05
N VAL A 406 -7.67 -8.58 42.21
CA VAL A 406 -6.88 -9.12 43.33
C VAL A 406 -7.38 -10.57 43.50
N GLY A 407 -6.94 -11.45 42.60
CA GLY A 407 -7.41 -12.84 42.58
C GLY A 407 -8.86 -12.86 42.14
N ASN A 408 -9.75 -13.33 43.02
CA ASN A 408 -11.19 -13.39 42.81
C ASN A 408 -11.89 -12.25 43.57
N GLU A 409 -11.10 -11.22 43.95
CA GLU A 409 -11.52 -10.03 44.69
C GLU A 409 -11.06 -8.82 43.88
N TYR A 410 -11.47 -7.61 44.29
N TYR A 410 -11.52 -7.61 44.25
CA TYR A 410 -11.09 -6.42 43.56
CA TYR A 410 -11.18 -6.39 43.52
C TYR A 410 -10.85 -5.20 44.45
C TYR A 410 -10.87 -5.20 44.44
N VAL A 411 -10.04 -4.28 43.94
CA VAL A 411 -9.74 -3.03 44.63
C VAL A 411 -10.06 -1.92 43.65
N THR A 412 -10.85 -0.92 44.09
CA THR A 412 -11.21 0.25 43.28
C THR A 412 -9.96 1.12 43.02
N LYS A 413 -9.75 1.55 41.78
CA LYS A 413 -8.61 2.37 41.44
C LYS A 413 -9.11 3.79 41.23
N GLY A 414 -8.33 4.78 41.69
CA GLY A 414 -8.67 6.18 41.53
C GLY A 414 -8.20 6.70 40.18
N GLN A 415 -8.92 7.70 39.62
CA GLN A 415 -8.59 8.28 38.33
C GLN A 415 -8.65 9.81 38.40
N ASN A 416 -7.57 10.48 37.98
CA ASN A 416 -7.57 11.95 37.86
C ASN A 416 -8.24 12.28 36.49
N VAL A 417 -8.57 13.57 36.24
CA VAL A 417 -9.24 14.00 34.99
C VAL A 417 -8.48 13.51 33.74
N GLN A 418 -7.15 13.68 33.70
CA GLN A 418 -6.25 13.26 32.62
C GLN A 418 -6.37 11.74 32.38
N GLN A 419 -6.49 10.94 33.44
CA GLN A 419 -6.63 9.49 33.33
C GLN A 419 -7.97 9.11 32.71
N VAL A 420 -9.06 9.80 33.11
CA VAL A 420 -10.40 9.54 32.56
C VAL A 420 -10.45 9.92 31.07
N VAL A 421 -9.98 11.14 30.72
CA VAL A 421 -10.05 11.57 29.32
C VAL A 421 -9.14 10.66 28.47
N TYR A 422 -8.02 10.13 29.03
CA TYR A 422 -7.21 9.17 28.26
C TYR A 422 -8.02 7.85 28.02
N ALA A 423 -8.62 7.30 29.08
CA ALA A 423 -9.40 6.05 29.01
C ALA A 423 -10.62 6.16 28.08
N LYS A 424 -11.35 7.28 28.14
CA LYS A 424 -12.51 7.61 27.30
C LYS A 424 -12.10 7.66 25.81
N GLY A 425 -10.89 8.16 25.54
CA GLY A 425 -10.32 8.21 24.19
C GLY A 425 -9.96 6.83 23.71
N ALA A 426 -9.32 6.00 24.58
CA ALA A 426 -8.91 4.62 24.26
C ALA A 426 -10.11 3.74 23.94
N LEU A 427 -11.22 3.88 24.69
CA LEU A 427 -12.43 3.08 24.43
C LEU A 427 -13.03 3.41 23.07
N ALA A 428 -13.17 4.71 22.76
CA ALA A 428 -13.67 5.19 21.47
C ALA A 428 -12.87 4.60 20.30
N LYS A 429 -11.50 4.59 20.39
CA LYS A 429 -10.61 4.02 19.37
C LYS A 429 -10.87 2.51 19.17
N ALA A 430 -11.00 1.74 20.29
CA ALA A 430 -11.27 0.30 20.33
C ALA A 430 -12.61 -0.03 19.69
N VAL A 431 -13.69 0.72 20.03
CA VAL A 431 -15.02 0.52 19.41
C VAL A 431 -14.86 0.68 17.86
N TYR A 432 -14.19 1.77 17.43
CA TYR A 432 -14.01 2.08 16.03
C TYR A 432 -13.25 1.02 15.24
N GLU A 433 -12.09 0.61 15.74
CA GLU A 433 -11.23 -0.37 15.09
C GLU A 433 -11.91 -1.73 15.04
N ARG A 434 -12.62 -2.12 16.13
CA ARG A 434 -13.34 -3.39 16.17
C ARG A 434 -14.56 -3.37 15.21
N MET A 435 -15.27 -2.23 15.12
CA MET A 435 -16.37 -2.02 14.17
C MET A 435 -15.83 -2.13 12.72
N PHE A 436 -14.65 -1.52 12.43
CA PHE A 436 -14.00 -1.59 11.11
C PHE A 436 -13.70 -3.05 10.73
N ASN A 437 -13.18 -3.84 11.70
CA ASN A 437 -12.84 -5.25 11.54
C ASN A 437 -14.12 -6.07 11.29
N TRP A 438 -15.24 -5.76 12.00
CA TRP A 438 -16.53 -6.42 11.81
C TRP A 438 -17.00 -6.22 10.37
N MET A 439 -16.90 -4.97 9.86
CA MET A 439 -17.28 -4.60 8.50
C MET A 439 -16.49 -5.41 7.48
N VAL A 440 -15.16 -5.57 7.65
CA VAL A 440 -14.32 -6.36 6.74
C VAL A 440 -14.78 -7.85 6.73
N THR A 441 -15.04 -8.41 7.93
CA THR A 441 -15.55 -9.78 8.13
C THR A 441 -16.92 -9.96 7.44
N ARG A 442 -17.82 -8.98 7.62
CA ARG A 442 -19.15 -8.94 7.03
C ARG A 442 -19.09 -8.84 5.49
N ILE A 443 -18.15 -8.07 4.95
CA ILE A 443 -17.96 -7.94 3.50
C ILE A 443 -17.47 -9.29 2.94
N ASN A 444 -16.49 -9.91 3.61
CA ASN A 444 -15.94 -11.22 3.28
C ASN A 444 -17.01 -12.34 3.27
N ALA A 445 -17.98 -12.30 4.22
CA ALA A 445 -19.09 -13.28 4.24
C ALA A 445 -19.90 -13.23 2.93
N THR A 446 -20.21 -12.02 2.43
CA THR A 446 -20.94 -11.83 1.17
C THR A 446 -20.11 -12.20 -0.06
N LEU A 447 -18.82 -11.83 -0.08
CA LEU A 447 -17.91 -12.12 -1.19
C LEU A 447 -17.60 -13.62 -1.35
N GLU A 448 -17.84 -14.42 -0.28
CA GLU A 448 -17.67 -15.88 -0.27
C GLU A 448 -18.92 -16.50 -0.91
N THR A 449 -18.74 -17.12 -2.09
CA THR A 449 -19.82 -17.68 -2.90
C THR A 449 -19.99 -19.20 -2.82
N LYS A 450 -18.88 -19.94 -2.58
CA LYS A 450 -18.81 -21.41 -2.60
C LYS A 450 -18.70 -21.96 -4.05
N GLN A 451 -18.60 -21.06 -5.06
CA GLN A 451 -18.37 -21.41 -6.47
C GLN A 451 -16.95 -22.00 -6.64
N PRO A 452 -16.66 -22.87 -7.63
CA PRO A 452 -15.32 -23.50 -7.71
C PRO A 452 -14.11 -22.54 -7.90
N ARG A 453 -13.01 -22.82 -7.16
CA ARG A 453 -11.74 -22.06 -7.13
C ARG A 453 -10.56 -22.95 -7.45
N GLN A 454 -9.60 -22.41 -8.20
CA GLN A 454 -8.35 -23.10 -8.52
C GLN A 454 -7.20 -22.19 -8.19
N TYR A 455 -7.26 -20.92 -8.62
CA TYR A 455 -6.19 -19.95 -8.41
C TYR A 455 -6.71 -18.57 -8.02
N PHE A 456 -5.78 -17.76 -7.54
CA PHE A 456 -6.09 -16.38 -7.23
C PHE A 456 -5.08 -15.42 -7.80
N ILE A 457 -5.50 -14.16 -7.87
CA ILE A 457 -4.68 -13.00 -8.17
C ILE A 457 -4.90 -12.09 -6.97
N GLY A 458 -3.84 -11.92 -6.17
CA GLY A 458 -3.86 -11.06 -4.98
C GLY A 458 -3.34 -9.67 -5.33
N VAL A 459 -4.07 -8.60 -4.95
CA VAL A 459 -3.67 -7.20 -5.20
C VAL A 459 -3.38 -6.55 -3.85
N LEU A 460 -2.15 -6.06 -3.65
CA LEU A 460 -1.69 -5.43 -2.40
C LEU A 460 -1.66 -3.90 -2.51
N ASP A 461 -2.41 -3.21 -1.62
CA ASP A 461 -2.53 -1.77 -1.57
C ASP A 461 -2.26 -1.30 -0.12
N ILE A 462 -0.98 -1.04 0.20
CA ILE A 462 -0.58 -0.64 1.55
C ILE A 462 -0.76 0.86 1.79
N ALA A 463 -0.68 1.32 3.06
CA ALA A 463 -0.67 2.76 3.37
C ALA A 463 0.73 3.23 2.91
N GLY A 464 0.79 4.29 2.12
CA GLY A 464 2.05 4.76 1.53
C GLY A 464 3.02 5.44 2.45
N PHE A 465 4.30 5.44 2.06
CA PHE A 465 5.37 6.10 2.80
C PHE A 465 5.00 7.57 2.93
N GLU A 466 5.14 8.13 4.13
CA GLU A 466 4.78 9.53 4.36
C GLU A 466 5.68 10.21 5.39
N ILE A 467 5.76 11.56 5.29
CA ILE A 467 6.49 12.38 6.23
C ILE A 467 5.64 13.60 6.63
N PHE A 468 5.18 13.67 7.89
CA PHE A 468 4.42 14.83 8.34
C PHE A 468 5.33 15.76 9.19
N ASP A 469 4.79 16.90 9.68
CA ASP A 469 5.49 17.81 10.60
C ASP A 469 5.67 17.12 11.97
N PHE A 470 4.72 16.24 12.31
CA PHE A 470 4.70 15.44 13.53
C PHE A 470 4.56 13.97 13.10
N ASN A 471 5.58 13.13 13.39
CA ASN A 471 5.54 11.71 13.06
C ASN A 471 5.58 10.89 14.34
N SER A 472 4.56 10.08 14.56
CA SER A 472 4.45 9.28 15.78
C SER A 472 4.56 7.75 15.48
N PHE A 473 4.12 6.91 16.41
CA PHE A 473 4.10 5.45 16.30
C PHE A 473 3.43 4.95 15.00
N GLU A 474 2.29 5.54 14.63
CA GLU A 474 1.56 5.09 13.43
C GLU A 474 2.36 5.32 12.14
N GLN A 475 3.13 6.42 12.06
CA GLN A 475 4.00 6.72 10.91
C GLN A 475 5.14 5.69 10.85
N LEU A 476 5.71 5.28 12.01
CA LEU A 476 6.73 4.24 12.01
C LEU A 476 6.14 2.95 11.45
N CYS A 477 4.93 2.55 11.90
CA CYS A 477 4.29 1.33 11.43
C CYS A 477 4.04 1.36 9.93
N ILE A 478 3.60 2.52 9.40
CA ILE A 478 3.33 2.73 7.98
C ILE A 478 4.63 2.64 7.15
N ASN A 479 5.66 3.38 7.56
CA ASN A 479 6.94 3.49 6.86
C ASN A 479 7.71 2.21 6.86
N PHE A 480 7.61 1.45 7.95
CA PHE A 480 8.22 0.14 8.09
C PHE A 480 7.65 -0.81 7.04
N THR A 481 6.32 -0.81 6.83
CA THR A 481 5.65 -1.64 5.82
C THR A 481 6.22 -1.35 4.41
N ASN A 482 6.41 -0.04 4.09
CA ASN A 482 6.91 0.42 2.80
C ASN A 482 8.36 -0.07 2.60
N GLU A 483 9.21 -0.03 3.67
CA GLU A 483 10.60 -0.49 3.66
C GLU A 483 10.63 -2.00 3.37
N LYS A 484 9.74 -2.77 4.05
CA LYS A 484 9.58 -4.21 3.87
C LYS A 484 9.17 -4.52 2.42
N LEU A 485 8.22 -3.76 1.87
CA LEU A 485 7.73 -3.94 0.49
C LEU A 485 8.86 -3.67 -0.55
N GLN A 486 9.71 -2.66 -0.27
CA GLN A 486 10.85 -2.38 -1.12
C GLN A 486 11.87 -3.51 -1.03
N GLN A 487 12.10 -4.05 0.17
CA GLN A 487 13.03 -5.16 0.31
C GLN A 487 12.52 -6.41 -0.40
N PHE A 488 11.18 -6.64 -0.40
CA PHE A 488 10.59 -7.79 -1.12
C PHE A 488 10.92 -7.63 -2.63
N PHE A 489 10.76 -6.41 -3.18
CA PHE A 489 11.14 -6.10 -4.56
C PHE A 489 12.64 -6.39 -4.79
N ASN A 490 13.52 -5.89 -3.88
CA ASN A 490 14.98 -6.06 -4.03
C ASN A 490 15.38 -7.53 -4.02
N HIS A 491 14.79 -8.30 -3.10
CA HIS A 491 15.05 -9.72 -2.95
C HIS A 491 14.63 -10.51 -4.22
N HIS A 492 13.44 -10.21 -4.76
CA HIS A 492 12.92 -10.86 -5.96
C HIS A 492 13.73 -10.56 -7.20
N MET A 493 13.97 -9.25 -7.44
CA MET A 493 14.64 -8.76 -8.63
C MET A 493 16.15 -8.98 -8.68
N PHE A 494 16.84 -8.91 -7.54
CA PHE A 494 18.29 -8.95 -7.51
C PHE A 494 18.90 -10.16 -6.79
N VAL A 495 18.23 -10.70 -5.74
CA VAL A 495 18.77 -11.84 -4.99
C VAL A 495 18.31 -13.19 -5.60
N LEU A 496 16.99 -13.50 -5.50
CA LEU A 496 16.38 -14.73 -6.04
C LEU A 496 16.70 -14.94 -7.53
N GLU A 497 16.68 -13.84 -8.30
CA GLU A 497 16.96 -13.82 -9.73
C GLU A 497 18.34 -14.38 -10.10
N GLN A 498 19.37 -13.93 -9.38
CA GLN A 498 20.74 -14.34 -9.61
C GLN A 498 21.01 -15.72 -9.08
N GLU A 499 20.34 -16.06 -7.96
CA GLU A 499 20.43 -17.37 -7.32
C GLU A 499 19.83 -18.46 -8.25
N GLU A 500 18.76 -18.07 -9.02
CA GLU A 500 18.08 -18.93 -9.98
C GLU A 500 19.06 -19.33 -11.10
N TYR A 501 19.82 -18.35 -11.65
CA TYR A 501 20.82 -18.56 -12.70
C TYR A 501 21.88 -19.55 -12.21
N LYS A 502 22.42 -19.30 -10.99
CA LYS A 502 23.41 -20.13 -10.29
C LYS A 502 22.96 -21.59 -10.10
N LYS A 503 21.79 -21.83 -9.47
CA LYS A 503 21.28 -23.20 -9.24
C LYS A 503 20.90 -23.94 -10.56
N GLU A 504 20.68 -23.21 -11.64
CA GLU A 504 20.34 -23.77 -12.93
C GLU A 504 21.56 -24.04 -13.84
N GLY A 505 22.75 -23.72 -13.36
CA GLY A 505 23.98 -23.93 -14.13
C GLY A 505 24.22 -22.92 -15.24
N ILE A 506 23.49 -21.79 -15.22
CA ILE A 506 23.64 -20.73 -16.20
C ILE A 506 24.91 -19.95 -15.84
N GLU A 507 25.80 -19.72 -16.83
CA GLU A 507 27.07 -19.00 -16.66
C GLU A 507 26.70 -17.55 -16.29
N TRP A 508 27.07 -17.15 -15.06
CA TRP A 508 26.71 -15.85 -14.50
C TRP A 508 27.71 -15.33 -13.48
N GLU A 509 27.95 -14.02 -13.51
CA GLU A 509 28.78 -13.34 -12.53
C GLU A 509 27.86 -12.46 -11.70
N PHE A 510 27.85 -12.69 -10.39
CA PHE A 510 26.99 -11.96 -9.46
C PHE A 510 27.22 -10.45 -9.54
N ILE A 511 26.12 -9.70 -9.65
CA ILE A 511 26.16 -8.25 -9.69
C ILE A 511 25.57 -7.71 -8.39
N ASP A 512 26.35 -6.88 -7.67
CA ASP A 512 25.90 -6.19 -6.46
C ASP A 512 25.22 -4.92 -6.97
N PHE A 513 23.90 -4.84 -6.82
CA PHE A 513 23.10 -3.73 -7.31
C PHE A 513 22.92 -2.59 -6.31
N GLY A 514 23.48 -2.75 -5.10
CA GLY A 514 23.34 -1.76 -4.04
C GLY A 514 21.91 -1.58 -3.56
N MET A 515 21.07 -2.63 -3.68
CA MET A 515 19.64 -2.63 -3.31
C MET A 515 19.45 -3.68 -2.21
N ASP A 516 19.64 -3.23 -0.96
CA ASP A 516 19.56 -4.10 0.23
C ASP A 516 19.25 -3.24 1.46
N LEU A 517 18.02 -3.39 1.99
CA LEU A 517 17.52 -2.62 3.12
C LEU A 517 17.56 -3.33 4.45
N GLN A 518 18.26 -4.49 4.49
CA GLN A 518 18.38 -5.33 5.70
C GLN A 518 18.79 -4.54 6.96
N ALA A 519 19.77 -3.64 6.86
CA ALA A 519 20.25 -2.81 7.97
C ALA A 519 19.13 -1.99 8.61
N CYS A 520 18.34 -1.21 7.83
CA CYS A 520 17.24 -0.45 8.42
C CYS A 520 16.12 -1.34 8.90
N ILE A 521 15.76 -2.38 8.14
CA ILE A 521 14.70 -3.32 8.54
C ILE A 521 15.03 -3.97 9.90
N ASP A 522 16.30 -4.46 10.08
CA ASP A 522 16.79 -5.08 11.32
C ASP A 522 16.71 -4.10 12.48
N LEU A 523 17.07 -2.85 12.24
CA LEU A 523 17.03 -1.78 13.25
C LEU A 523 15.61 -1.64 13.81
N ILE A 524 14.60 -1.75 12.96
CA ILE A 524 13.23 -1.61 13.40
C ILE A 524 12.68 -2.92 14.03
N GLU A 525 12.95 -4.09 13.41
CA GLU A 525 12.25 -5.34 13.77
C GLU A 525 13.01 -6.46 14.54
N LYS A 526 14.34 -6.57 14.43
CA LYS A 526 15.10 -7.64 15.09
C LYS A 526 15.23 -7.43 16.61
N PRO A 527 15.51 -8.50 17.42
CA PRO A 527 15.73 -8.31 18.87
C PRO A 527 16.76 -7.21 19.19
N MET A 528 16.38 -6.32 20.13
CA MET A 528 17.07 -5.13 20.62
C MET A 528 16.99 -3.94 19.63
N GLY A 529 16.12 -4.05 18.64
CA GLY A 529 15.82 -2.99 17.69
C GLY A 529 14.74 -2.09 18.29
N ILE A 530 14.25 -1.12 17.51
CA ILE A 530 13.28 -0.12 17.97
C ILE A 530 12.00 -0.76 18.58
N MET A 531 11.31 -1.65 17.83
CA MET A 531 10.07 -2.30 18.30
C MET A 531 10.34 -3.27 19.45
N SER A 532 11.44 -4.05 19.36
CA SER A 532 11.86 -4.96 20.42
C SER A 532 12.09 -4.18 21.73
N ILE A 533 12.71 -2.98 21.67
CA ILE A 533 12.92 -2.17 22.87
C ILE A 533 11.58 -1.66 23.42
N LEU A 534 10.68 -1.21 22.53
CA LEU A 534 9.34 -0.73 22.90
C LEU A 534 8.54 -1.84 23.61
N GLU A 535 8.57 -3.04 23.03
CA GLU A 535 7.87 -4.24 23.50
C GLU A 535 8.36 -4.66 24.86
N GLU A 536 9.67 -4.59 25.11
CA GLU A 536 10.34 -4.93 26.37
C GLU A 536 10.06 -3.83 27.42
N GLU A 537 10.10 -2.54 27.03
CA GLU A 537 9.76 -1.41 27.93
C GLU A 537 8.29 -1.50 28.33
N CYS A 538 7.50 -2.20 27.52
CA CYS A 538 6.09 -2.54 27.76
C CYS A 538 6.09 -3.58 28.87
N MET A 539 5.04 -3.58 29.70
CA MET A 539 4.92 -4.50 30.83
C MET A 539 6.02 -4.28 31.88
N PHE A 540 6.53 -3.04 31.98
CA PHE A 540 7.49 -2.58 32.97
C PHE A 540 6.76 -1.41 33.68
N PRO A 541 6.14 -1.65 34.86
CA PRO A 541 5.35 -0.58 35.52
C PRO A 541 6.04 0.78 35.70
N LYS A 542 7.36 0.76 35.94
CA LYS A 542 8.17 1.97 36.15
C LYS A 542 8.63 2.67 34.85
N ALA A 543 8.46 2.02 33.67
CA ALA A 543 8.87 2.56 32.36
C ALA A 543 8.05 3.77 31.92
N THR A 544 8.73 4.72 31.32
CA THR A 544 8.12 5.96 30.87
C THR A 544 8.60 6.25 29.45
N ASP A 545 8.05 7.28 28.81
CA ASP A 545 8.46 7.64 27.44
C ASP A 545 9.95 7.99 27.40
N MET A 546 10.46 8.64 28.47
CA MET A 546 11.87 9.04 28.59
C MET A 546 12.81 7.85 28.85
N THR A 547 12.37 6.80 29.60
CA THR A 547 13.20 5.59 29.82
C THR A 547 13.27 4.80 28.49
N PHE A 548 12.15 4.82 27.74
CA PHE A 548 12.11 4.18 26.42
C PHE A 548 13.10 4.91 25.51
N ALA A 550 15.75 6.86 26.35
CA ALA A 550 17.13 6.64 26.82
C ALA A 550 17.66 5.26 26.39
N LYS A 551 16.78 4.23 26.34
CA LYS A 551 17.15 2.88 25.90
C LYS A 551 17.40 2.85 24.39
N LEU A 552 16.63 3.63 23.62
CA LEU A 552 16.82 3.74 22.17
C LEU A 552 18.20 4.36 21.90
N PHE A 553 18.48 5.49 22.56
CA PHE A 553 19.75 6.21 22.44
C PHE A 553 20.95 5.35 22.89
N ASP A 554 20.88 4.72 24.08
CA ASP A 554 21.97 3.86 24.58
C ASP A 554 22.31 2.68 23.65
N ASN A 555 21.31 2.13 22.96
CA ASN A 555 21.53 0.99 22.08
C ASN A 555 21.91 1.32 20.64
N HIS A 556 21.47 2.49 20.11
CA HIS A 556 21.63 2.76 18.68
C HIS A 556 22.28 4.09 18.26
N LEU A 557 22.31 5.10 19.13
CA LEU A 557 22.87 6.40 18.75
C LEU A 557 24.39 6.26 18.62
N GLY A 558 24.90 6.51 17.42
CA GLY A 558 26.32 6.36 17.11
C GLY A 558 26.74 4.91 16.90
N LYS A 559 25.78 3.97 16.98
CA LYS A 559 26.00 2.52 16.84
C LYS A 559 25.29 1.91 15.62
N SER A 560 24.06 2.35 15.32
CA SER A 560 23.29 1.89 14.15
C SER A 560 23.23 3.02 13.14
N SER A 561 23.88 2.82 11.97
CA SER A 561 23.98 3.79 10.84
C SER A 561 22.67 4.52 10.48
N ASN A 562 21.55 3.80 10.49
CA ASN A 562 20.24 4.32 10.12
C ASN A 562 19.53 5.06 11.25
N PHE A 563 20.14 5.08 12.45
CA PHE A 563 19.59 5.75 13.63
C PHE A 563 20.37 7.03 13.88
N GLN A 564 19.67 8.15 14.00
CA GLN A 564 20.32 9.45 14.19
C GLN A 564 19.54 10.33 15.17
N LYS A 565 20.16 11.44 15.61
CA LYS A 565 19.53 12.45 16.47
C LYS A 565 18.85 13.47 15.53
N PRO A 566 17.62 13.96 15.83
CA PRO A 566 16.95 14.86 14.89
C PRO A 566 17.43 16.31 14.88
N ARG A 567 16.88 17.09 13.91
CA ARG A 567 17.11 18.52 13.66
C ARG A 567 16.53 19.34 14.82
N LYS A 572 8.17 24.32 14.10
CA LYS A 572 8.48 22.91 13.84
C LYS A 572 8.32 22.11 15.15
N PRO A 573 7.44 21.07 15.21
CA PRO A 573 7.28 20.31 16.47
C PRO A 573 8.55 19.55 16.88
N GLU A 574 8.72 19.31 18.19
CA GLU A 574 9.91 18.60 18.67
C GLU A 574 9.90 17.13 18.31
N ALA A 575 11.07 16.60 17.89
CA ALA A 575 11.30 15.22 17.53
C ALA A 575 12.35 14.61 18.48
N HIS A 576 12.30 13.29 18.70
CA HIS A 576 13.19 12.59 19.61
C HIS A 576 14.26 11.81 18.90
N PHE A 577 13.93 11.18 17.77
CA PHE A 577 14.93 10.47 16.96
C PHE A 577 14.59 10.53 15.46
N SER A 578 15.60 10.35 14.62
CA SER A 578 15.39 10.28 13.19
C SER A 578 15.77 8.89 12.70
N LEU A 579 15.10 8.45 11.64
CA LEU A 579 15.37 7.16 11.05
C LEU A 579 15.63 7.35 9.57
N ILE A 580 16.76 6.83 9.06
CA ILE A 580 17.08 6.92 7.62
C ILE A 580 16.37 5.74 6.88
N HIS A 581 15.13 5.96 6.44
CA HIS A 581 14.39 4.97 5.67
C HIS A 581 14.89 5.00 4.20
N TYR A 582 14.51 4.00 3.37
CA TYR A 582 14.84 3.92 1.94
C TYR A 582 14.40 5.18 1.16
N ALA A 583 13.23 5.74 1.53
CA ALA A 583 12.62 6.89 0.86
C ALA A 583 12.89 8.24 1.55
N GLY A 584 13.67 8.25 2.63
CA GLY A 584 13.96 9.50 3.32
C GLY A 584 14.17 9.40 4.81
N THR A 585 14.71 10.49 5.37
CA THR A 585 14.96 10.61 6.81
C THR A 585 13.68 11.12 7.43
N VAL A 586 13.18 10.39 8.46
CA VAL A 586 11.96 10.72 9.17
C VAL A 586 12.25 10.98 10.65
N ASP A 587 11.83 12.16 11.14
CA ASP A 587 11.94 12.56 12.54
C ASP A 587 10.70 12.10 13.30
N TYR A 588 10.91 11.20 14.28
CA TYR A 588 9.91 10.58 15.13
C TYR A 588 9.83 11.15 16.55
N ASN A 589 8.60 11.38 16.99
CA ASN A 589 8.30 11.86 18.33
C ASN A 589 7.78 10.62 19.06
N ILE A 590 8.39 10.26 20.22
CA ILE A 590 8.08 9.03 20.95
C ILE A 590 7.07 9.16 22.13
N ILE A 591 6.41 10.32 22.30
CA ILE A 591 5.46 10.49 23.41
C ILE A 591 4.23 9.64 23.18
N GLY A 592 3.90 8.85 24.20
CA GLY A 592 2.73 7.97 24.20
C GLY A 592 2.89 6.64 23.52
N TRP A 593 4.12 6.29 23.05
CA TRP A 593 4.37 5.02 22.36
C TRP A 593 4.17 3.79 23.24
N LEU A 594 4.57 3.84 24.53
CA LEU A 594 4.36 2.70 25.42
C LEU A 594 2.88 2.39 25.60
N GLN A 595 2.06 3.45 25.85
CA GLN A 595 0.60 3.31 26.02
C GLN A 595 -0.08 2.88 24.72
N LYS A 596 0.38 3.41 23.57
CA LYS A 596 -0.09 3.02 22.26
C LYS A 596 0.24 1.56 21.98
N ASN A 597 1.45 1.08 22.36
CA ASN A 597 1.81 -0.33 22.11
C ASN A 597 1.08 -1.34 23.01
N LYS A 598 0.88 -0.99 24.29
CA LYS A 598 0.20 -1.91 25.23
C LYS A 598 -1.27 -1.94 24.90
N ASP A 599 -1.82 -0.76 24.58
CA ASP A 599 -3.21 -0.50 24.23
C ASP A 599 -4.17 -0.89 25.39
N PRO A 600 -3.92 -0.40 26.64
CA PRO A 600 -4.82 -0.75 27.76
C PRO A 600 -6.20 -0.13 27.66
N LEU A 601 -7.20 -0.85 28.17
CA LEU A 601 -8.59 -0.41 28.19
C LEU A 601 -9.16 -0.52 29.58
N ASN A 602 -10.06 0.40 29.94
CA ASN A 602 -10.74 0.34 31.24
C ASN A 602 -11.68 -0.88 31.09
N GLU A 603 -11.29 -1.99 31.74
CA GLU A 603 -11.99 -3.27 31.65
C GLU A 603 -13.36 -3.28 32.38
N THR A 604 -13.61 -2.28 33.24
CA THR A 604 -14.90 -2.13 33.87
C THR A 604 -15.93 -1.72 32.82
N VAL A 605 -15.60 -0.72 31.94
CA VAL A 605 -16.56 -0.33 30.93
C VAL A 605 -16.53 -1.35 29.77
N VAL A 606 -15.39 -2.06 29.51
CA VAL A 606 -15.37 -3.13 28.48
C VAL A 606 -16.42 -4.19 28.84
N ASP A 607 -16.55 -4.54 30.13
CA ASP A 607 -17.57 -5.45 30.68
C ASP A 607 -18.97 -4.96 30.34
N LEU A 608 -19.24 -3.65 30.48
CA LEU A 608 -20.54 -3.07 30.16
C LEU A 608 -20.84 -3.22 28.66
N TYR A 609 -19.80 -3.00 27.78
CA TYR A 609 -19.88 -3.18 26.32
C TYR A 609 -20.33 -4.62 26.02
N LYS A 610 -19.75 -5.61 26.73
CA LYS A 610 -20.10 -7.02 26.60
C LYS A 610 -21.56 -7.32 26.97
N LYS A 611 -22.16 -6.54 27.90
CA LYS A 611 -23.57 -6.70 28.36
C LYS A 611 -24.55 -5.71 27.69
N SER A 612 -24.12 -5.09 26.57
CA SER A 612 -24.89 -4.08 25.83
C SER A 612 -26.13 -4.67 25.17
N SER A 613 -27.25 -3.91 25.18
CA SER A 613 -28.50 -4.31 24.53
C SER A 613 -28.39 -4.13 22.99
N LEU A 614 -27.39 -3.32 22.53
CA LEU A 614 -27.10 -3.17 21.10
C LEU A 614 -26.22 -4.37 20.75
N LYS A 615 -26.77 -5.32 19.99
CA LYS A 615 -26.13 -6.58 19.60
C LYS A 615 -24.73 -6.43 19.02
N MET A 616 -24.54 -5.44 18.12
N MET A 616 -24.54 -5.44 18.12
N MET A 616 -24.53 -5.44 18.11
CA MET A 616 -23.25 -5.18 17.47
CA MET A 616 -23.25 -5.18 17.47
CA MET A 616 -23.24 -5.17 17.46
C MET A 616 -22.13 -4.90 18.47
C MET A 616 -22.13 -4.90 18.47
C MET A 616 -22.13 -4.90 18.48
N LEU A 617 -22.40 -4.06 19.49
CA LEU A 617 -21.40 -3.69 20.53
C LEU A 617 -20.94 -4.89 21.37
N SER A 618 -21.90 -5.72 21.84
CA SER A 618 -21.61 -6.93 22.60
C SER A 618 -20.78 -7.92 21.74
N SER A 619 -21.13 -8.07 20.45
CA SER A 619 -20.38 -8.94 19.53
C SER A 619 -18.93 -8.44 19.32
N LEU A 620 -18.73 -7.11 19.23
CA LEU A 620 -17.39 -6.52 19.04
C LEU A 620 -16.41 -6.81 20.20
N PHE A 621 -16.94 -6.89 21.43
CA PHE A 621 -16.13 -7.13 22.63
C PHE A 621 -16.36 -8.52 23.23
N ALA A 622 -17.04 -9.41 22.49
CA ALA A 622 -17.36 -10.77 22.90
C ALA A 622 -16.13 -11.59 23.32
N ASN A 623 -15.15 -11.72 22.40
CA ASN A 623 -13.92 -12.49 22.58
C ASN A 623 -12.80 -11.78 23.36
N TYR A 624 -13.05 -10.51 23.80
CA TYR A 624 -12.06 -9.71 24.55
C TYR A 624 -11.56 -10.42 25.82
N ALA A 625 -10.23 -10.47 25.99
CA ALA A 625 -9.55 -11.12 27.13
C ALA A 625 -8.81 -10.11 28.00
N PHE A 644 -1.21 -12.67 25.25
CA PHE A 644 -1.35 -11.22 25.04
C PHE A 644 -0.17 -10.66 24.25
N GLN A 645 -0.46 -10.05 23.07
CA GLN A 645 0.59 -9.46 22.25
C GLN A 645 0.42 -7.96 22.06
N THR A 646 1.55 -7.24 22.00
CA THR A 646 1.57 -5.79 21.78
C THR A 646 1.21 -5.46 20.33
N VAL A 647 0.79 -4.22 20.05
CA VAL A 647 0.40 -3.92 18.67
C VAL A 647 1.63 -4.05 17.71
N SER A 648 2.85 -3.60 18.10
CA SER A 648 4.03 -3.77 17.22
C SER A 648 4.40 -5.26 16.98
N ALA A 649 4.28 -6.12 18.01
CA ALA A 649 4.57 -7.56 17.84
C ALA A 649 3.57 -8.22 16.88
N LEU A 650 2.27 -7.84 16.97
CA LEU A 650 1.23 -8.35 16.05
C LEU A 650 1.50 -7.83 14.63
N HIS A 651 1.91 -6.56 14.53
CA HIS A 651 2.17 -5.92 13.23
C HIS A 651 3.32 -6.61 12.51
N ARG A 652 4.41 -6.91 13.24
CA ARG A 652 5.58 -7.63 12.73
C ARG A 652 5.19 -9.02 12.26
N GLU A 653 4.37 -9.72 13.05
CA GLU A 653 3.89 -11.08 12.78
C GLU A 653 3.06 -11.14 11.49
N ASN A 654 2.07 -10.22 11.35
CA ASN A 654 1.19 -10.11 10.19
C ASN A 654 1.97 -9.75 8.93
N LEU A 655 2.99 -8.87 9.08
CA LEU A 655 3.85 -8.46 7.98
C LEU A 655 4.72 -9.61 7.51
N ASN A 656 5.32 -10.36 8.43
CA ASN A 656 6.13 -11.52 8.07
C ASN A 656 5.30 -12.57 7.34
N LYS A 657 4.04 -12.78 7.79
CA LYS A 657 3.09 -13.75 7.24
C LYS A 657 2.76 -13.35 5.78
N LEU A 658 2.47 -12.04 5.55
CA LEU A 658 2.19 -11.45 4.24
C LEU A 658 3.37 -11.71 3.28
N MET A 659 4.60 -11.41 3.71
CA MET A 659 5.82 -11.58 2.90
C MET A 659 6.07 -13.06 2.51
N THR A 660 5.85 -14.05 3.45
CA THR A 660 6.03 -15.47 3.12
C THR A 660 4.96 -15.91 2.15
N ASN A 661 3.69 -15.44 2.32
CA ASN A 661 2.60 -15.77 1.39
C ASN A 661 2.85 -15.23 -0.02
N LEU A 662 3.37 -13.99 -0.12
CA LEU A 662 3.68 -13.36 -1.42
C LEU A 662 4.81 -14.11 -2.15
N ARG A 663 5.76 -14.71 -1.39
CA ARG A 663 6.85 -15.53 -1.92
C ARG A 663 6.36 -16.78 -2.65
N SER A 664 5.13 -17.27 -2.32
CA SER A 664 4.52 -18.43 -2.99
C SER A 664 3.70 -18.02 -4.25
N THR A 665 3.74 -16.75 -4.63
CA THR A 665 3.02 -16.22 -5.79
C THR A 665 4.02 -15.68 -6.81
N HIS A 666 3.55 -15.46 -8.05
CA HIS A 666 4.32 -14.82 -9.12
C HIS A 666 3.96 -13.33 -8.95
N PRO A 667 4.95 -12.49 -8.55
CA PRO A 667 4.66 -11.06 -8.35
C PRO A 667 4.74 -10.22 -9.62
N HIS A 668 3.97 -9.13 -9.65
CA HIS A 668 3.93 -8.16 -10.75
C HIS A 668 3.99 -6.80 -10.08
N PHE A 669 5.11 -6.11 -10.24
CA PHE A 669 5.32 -4.84 -9.58
C PHE A 669 4.84 -3.66 -10.42
N VAL A 670 4.12 -2.74 -9.76
CA VAL A 670 3.65 -1.48 -10.36
C VAL A 670 4.17 -0.36 -9.46
N ARG A 671 5.06 0.51 -9.99
CA ARG A 671 5.67 1.57 -9.20
C ARG A 671 5.04 2.90 -9.46
N CYS A 672 4.16 3.32 -8.53
CA CYS A 672 3.48 4.63 -8.65
C CYS A 672 4.39 5.69 -8.13
N ILE A 673 4.43 6.81 -8.87
CA ILE A 673 5.27 7.98 -8.60
C ILE A 673 4.38 9.19 -8.43
N ILE A 674 4.60 9.96 -7.37
CA ILE A 674 3.94 11.24 -7.17
C ILE A 674 4.75 12.31 -7.99
N PRO A 675 4.13 13.08 -8.91
CA PRO A 675 4.92 13.98 -9.76
C PRO A 675 5.38 15.27 -9.10
N ASN A 676 4.60 15.75 -8.12
CA ASN A 676 4.85 16.99 -7.39
C ASN A 676 4.13 16.96 -6.06
N GLU A 677 4.37 17.98 -5.21
CA GLU A 677 3.79 18.15 -3.87
C GLU A 677 2.51 18.98 -3.84
N THR A 678 2.02 19.45 -5.00
CA THR A 678 0.89 20.39 -5.06
C THR A 678 -0.36 19.87 -5.80
N LYS A 679 -0.47 18.53 -6.02
CA LYS A 679 -1.60 17.89 -6.73
C LYS A 679 -1.84 18.55 -8.10
N SER A 680 -0.73 18.98 -8.74
CA SER A 680 -0.75 19.68 -10.01
C SER A 680 -0.68 18.72 -11.21
N PRO A 681 -1.76 18.70 -12.04
CA PRO A 681 -1.74 17.82 -13.23
C PRO A 681 -0.67 18.21 -14.26
N GLY A 682 0.14 17.23 -14.64
CA GLY A 682 1.15 17.41 -15.67
C GLY A 682 2.45 18.09 -15.30
N VAL A 683 2.63 18.47 -14.01
CA VAL A 683 3.86 19.16 -13.61
C VAL A 683 4.76 18.19 -12.86
N ILE A 684 6.02 18.12 -13.32
CA ILE A 684 7.07 17.27 -12.79
C ILE A 684 8.03 18.09 -11.95
N ASP A 685 8.22 17.65 -10.71
CA ASP A 685 9.21 18.18 -9.78
C ASP A 685 10.39 17.20 -9.98
N ASN A 686 11.36 17.54 -10.87
CA ASN A 686 12.50 16.67 -11.24
C ASN A 686 13.24 16.03 -10.04
N PRO A 687 13.73 16.76 -9.00
CA PRO A 687 14.37 16.06 -7.86
C PRO A 687 13.42 15.12 -7.13
N LEU A 688 12.12 15.45 -7.03
CA LEU A 688 11.14 14.57 -6.35
C LEU A 688 10.94 13.26 -7.14
N VAL A 689 10.82 13.37 -8.49
CA VAL A 689 10.64 12.22 -9.36
C VAL A 689 11.92 11.36 -9.39
N MET A 690 13.09 11.97 -9.58
CA MET A 690 14.37 11.27 -9.56
C MET A 690 14.61 10.52 -8.24
N HIS A 691 14.26 11.13 -7.11
CA HIS A 691 14.42 10.51 -5.79
C HIS A 691 13.58 9.23 -5.67
N GLN A 692 12.34 9.26 -6.21
CA GLN A 692 11.43 8.13 -6.20
C GLN A 692 11.97 7.01 -7.06
N LEU A 693 12.52 7.35 -8.23
CA LEU A 693 13.10 6.34 -9.14
C LEU A 693 14.35 5.68 -8.52
N ARG A 694 15.14 6.46 -7.79
CA ARG A 694 16.36 6.03 -7.14
C ARG A 694 16.07 5.05 -6.00
N CYS A 695 15.27 5.48 -5.02
CA CYS A 695 14.97 4.62 -3.88
C CYS A 695 14.12 3.40 -4.25
N ASN A 696 13.44 3.41 -5.43
CA ASN A 696 12.65 2.27 -5.88
C ASN A 696 13.50 1.22 -6.61
N GLY A 697 14.71 1.58 -7.02
CA GLY A 697 15.57 0.67 -7.78
C GLY A 697 15.09 0.43 -9.21
N VAL A 698 14.48 1.47 -9.82
CA VAL A 698 13.97 1.40 -11.20
C VAL A 698 15.10 1.11 -12.19
N LEU A 699 16.23 1.85 -12.09
CA LEU A 699 17.34 1.63 -13.00
C LEU A 699 17.96 0.24 -12.93
N GLU A 700 18.25 -0.23 -11.72
CA GLU A 700 18.83 -1.55 -11.49
C GLU A 700 17.87 -2.66 -11.88
N GLY A 701 16.57 -2.46 -11.64
CA GLY A 701 15.51 -3.38 -12.04
C GLY A 701 15.51 -3.55 -13.55
N ILE A 702 15.77 -2.46 -14.28
CA ILE A 702 15.86 -2.51 -15.76
C ILE A 702 17.19 -3.21 -16.15
N ARG A 703 18.32 -2.86 -15.47
CA ARG A 703 19.62 -3.47 -15.79
C ARG A 703 19.60 -5.00 -15.74
N ILE A 704 19.02 -5.61 -14.68
CA ILE A 704 18.96 -7.06 -14.55
C ILE A 704 18.12 -7.70 -15.68
N CYS A 705 17.09 -6.99 -16.17
CA CYS A 705 16.28 -7.49 -17.28
C CYS A 705 17.09 -7.51 -18.60
N ARG A 706 17.96 -6.49 -18.78
CA ARG A 706 18.81 -6.37 -19.97
C ARG A 706 19.99 -7.31 -19.89
N LYS A 707 20.63 -7.38 -18.71
CA LYS A 707 21.83 -8.17 -18.50
C LYS A 707 21.60 -9.68 -18.27
N GLY A 708 20.50 -10.02 -17.62
CA GLY A 708 20.18 -11.39 -17.27
C GLY A 708 19.30 -12.13 -18.26
N PHE A 709 18.45 -13.02 -17.71
CA PHE A 709 17.54 -13.87 -18.47
C PHE A 709 16.19 -13.78 -17.76
N PRO A 710 15.40 -12.72 -18.07
CA PRO A 710 14.11 -12.51 -17.37
C PRO A 710 13.06 -13.60 -17.59
N ASN A 711 13.14 -14.35 -18.72
CA ASN A 711 12.20 -15.45 -19.03
C ASN A 711 12.85 -16.81 -18.98
N ARG A 712 12.10 -17.82 -18.52
CA ARG A 712 12.57 -19.19 -18.37
C ARG A 712 11.36 -20.11 -18.32
N ILE A 713 11.46 -21.29 -18.97
CA ILE A 713 10.38 -22.27 -19.08
C ILE A 713 10.96 -23.67 -18.86
N LEU A 714 10.26 -24.51 -18.08
CA LEU A 714 10.63 -25.90 -17.84
C LEU A 714 10.65 -26.63 -19.18
N TYR A 715 11.66 -27.50 -19.44
CA TYR A 715 11.79 -28.18 -20.76
C TYR A 715 10.51 -28.90 -21.27
N GLY A 716 9.78 -29.56 -20.36
CA GLY A 716 8.52 -30.25 -20.65
C GLY A 716 7.44 -29.30 -21.14
N ASP A 717 7.23 -28.16 -20.44
CA ASP A 717 6.25 -27.13 -20.80
C ASP A 717 6.63 -26.45 -22.14
N PHE A 718 7.94 -26.29 -22.38
CA PHE A 718 8.47 -25.67 -23.59
C PHE A 718 8.15 -26.49 -24.84
N ARG A 719 8.48 -27.80 -24.83
CA ARG A 719 8.21 -28.67 -25.97
C ARG A 719 6.69 -28.80 -26.22
N GLN A 720 5.87 -28.75 -25.15
CA GLN A 720 4.41 -28.85 -25.32
C GLN A 720 3.84 -27.61 -26.03
N ARG A 721 4.13 -26.41 -25.50
CA ARG A 721 3.66 -25.12 -26.00
C ARG A 721 4.26 -24.71 -27.38
N TYR A 722 5.55 -25.00 -27.63
CA TYR A 722 6.15 -24.50 -28.85
C TYR A 722 6.50 -25.57 -29.92
N ARG A 723 5.84 -26.73 -29.87
CA ARG A 723 6.04 -27.76 -30.90
C ARG A 723 5.51 -27.32 -32.28
N ILE A 724 4.31 -26.69 -32.32
CA ILE A 724 3.67 -26.16 -33.55
C ILE A 724 4.59 -25.24 -34.38
N LEU A 725 5.59 -24.58 -33.74
CA LEU A 725 6.56 -23.71 -34.41
C LEU A 725 7.37 -24.43 -35.50
N ASN A 726 7.56 -25.76 -35.34
CA ASN A 726 8.26 -26.63 -36.29
C ASN A 726 8.04 -28.10 -35.90
N PRO A 727 6.83 -28.67 -36.12
CA PRO A 727 6.60 -30.07 -35.71
C PRO A 727 7.52 -31.11 -36.35
N ALA A 728 8.00 -30.85 -37.59
CA ALA A 728 8.92 -31.67 -38.37
C ALA A 728 10.28 -31.82 -37.68
N ALA A 729 10.70 -30.81 -36.88
CA ALA A 729 11.95 -30.80 -36.13
C ALA A 729 11.96 -31.86 -35.01
N ILE A 730 10.78 -32.07 -34.35
CA ILE A 730 10.58 -33.06 -33.27
C ILE A 730 9.52 -34.08 -33.75
N PRO A 731 9.92 -35.11 -34.56
CA PRO A 731 8.94 -36.08 -35.06
C PRO A 731 8.64 -37.19 -34.05
N ASP A 735 12.83 -37.86 -30.18
CA ASP A 735 13.16 -36.87 -29.16
C ASP A 735 12.37 -37.07 -27.85
N ILE A 736 12.70 -38.14 -27.11
CA ILE A 736 12.01 -38.49 -25.86
C ILE A 736 12.33 -37.47 -24.75
N ASP A 737 13.63 -37.15 -24.56
CA ASP A 737 14.09 -36.19 -23.56
C ASP A 737 13.71 -34.76 -23.98
N SER A 738 12.94 -34.08 -23.11
CA SER A 738 12.44 -32.73 -23.31
C SER A 738 13.56 -31.68 -23.53
N ARG A 739 14.75 -31.87 -22.91
CA ARG A 739 15.87 -30.96 -23.12
C ARG A 739 16.42 -31.17 -24.55
N LYS A 740 16.55 -32.45 -24.99
CA LYS A 740 17.00 -32.78 -26.35
C LYS A 740 15.99 -32.21 -27.35
N GLY A 741 14.70 -32.36 -27.03
CA GLY A 741 13.56 -31.83 -27.79
C GLY A 741 13.60 -30.31 -27.89
N ALA A 742 13.86 -29.61 -26.77
CA ALA A 742 13.96 -28.15 -26.72
C ALA A 742 15.16 -27.63 -27.54
N GLU A 743 16.33 -28.31 -27.41
CA GLU A 743 17.56 -27.96 -28.15
C GLU A 743 17.33 -28.00 -29.66
N LYS A 744 16.88 -29.15 -30.21
CA LYS A 744 16.61 -29.33 -31.64
C LYS A 744 15.53 -28.40 -32.18
N LEU A 745 14.43 -28.20 -31.40
CA LEU A 745 13.35 -27.27 -31.75
C LEU A 745 13.91 -25.85 -31.92
N LEU A 746 14.64 -25.34 -30.90
CA LEU A 746 15.22 -23.98 -30.91
C LEU A 746 16.27 -23.75 -32.02
N GLY A 747 17.13 -24.74 -32.24
CA GLY A 747 18.16 -24.73 -33.28
C GLY A 747 17.61 -24.67 -34.69
N SER A 748 16.41 -25.26 -34.92
CA SER A 748 15.74 -25.30 -36.22
C SER A 748 14.98 -24.00 -36.59
N LEU A 749 14.90 -23.03 -35.65
CA LEU A 749 14.17 -21.78 -35.86
C LEU A 749 15.05 -20.61 -36.30
N ASP A 750 14.43 -19.65 -37.00
CA ASP A 750 15.10 -18.44 -37.48
C ASP A 750 15.10 -17.39 -36.38
N ILE A 751 16.04 -17.56 -35.43
CA ILE A 751 16.23 -16.78 -34.21
C ILE A 751 17.73 -16.67 -33.89
N ASP A 752 18.14 -15.68 -33.07
CA ASP A 752 19.54 -15.53 -32.64
C ASP A 752 19.81 -16.55 -31.53
N HIS A 753 20.59 -17.58 -31.87
CA HIS A 753 20.88 -18.71 -30.98
C HIS A 753 21.75 -18.35 -29.77
N ASN A 754 21.95 -17.05 -29.54
CA ASN A 754 22.69 -16.50 -28.40
C ASN A 754 21.72 -15.86 -27.38
N GLN A 755 20.45 -15.66 -27.79
CA GLN A 755 19.36 -15.10 -26.99
C GLN A 755 18.75 -16.13 -25.99
N TYR A 756 19.28 -17.37 -25.96
CA TYR A 756 18.78 -18.40 -25.05
C TYR A 756 19.92 -19.26 -24.50
N LYS A 757 19.73 -19.81 -23.27
CA LYS A 757 20.71 -20.66 -22.59
C LYS A 757 20.03 -21.85 -21.90
N PHE A 758 20.70 -23.00 -21.92
CA PHE A 758 20.18 -24.21 -21.34
C PHE A 758 20.60 -24.42 -19.89
N GLY A 759 19.61 -24.54 -19.03
CA GLY A 759 19.78 -24.80 -17.60
C GLY A 759 19.55 -26.27 -17.29
N HIS A 760 19.64 -26.67 -16.00
CA HIS A 760 19.43 -28.05 -15.59
C HIS A 760 18.01 -28.49 -15.86
N THR A 761 17.01 -27.63 -15.53
CA THR A 761 15.59 -27.95 -15.67
C THR A 761 14.81 -27.00 -16.59
N LYS A 762 15.34 -25.81 -16.87
CA LYS A 762 14.64 -24.84 -17.69
C LYS A 762 15.50 -24.27 -18.78
N VAL A 763 14.87 -23.78 -19.87
CA VAL A 763 15.55 -23.02 -20.91
C VAL A 763 15.33 -21.54 -20.55
N PHE A 764 16.45 -20.78 -20.46
CA PHE A 764 16.52 -19.36 -20.12
C PHE A 764 16.56 -18.50 -21.36
N PHE A 765 15.76 -17.41 -21.38
CA PHE A 765 15.63 -16.48 -22.51
C PHE A 765 16.08 -15.04 -22.19
N LYS A 766 16.73 -14.39 -23.17
CA LYS A 766 17.12 -12.99 -23.06
C LYS A 766 15.87 -12.16 -23.28
N ALA A 767 15.86 -10.92 -22.75
CA ALA A 767 14.74 -9.99 -22.87
C ALA A 767 14.30 -9.86 -24.34
N GLY A 768 13.04 -10.20 -24.59
CA GLY A 768 12.46 -10.11 -25.93
C GLY A 768 12.27 -11.42 -26.68
N LEU A 769 13.04 -12.50 -26.37
CA LEU A 769 12.89 -13.75 -27.12
C LEU A 769 11.55 -14.44 -26.88
N LEU A 770 11.04 -14.43 -25.63
CA LEU A 770 9.74 -15.06 -25.32
C LEU A 770 8.61 -14.43 -26.12
N GLY A 771 8.62 -13.08 -26.17
CA GLY A 771 7.64 -12.30 -26.93
C GLY A 771 7.63 -12.66 -28.40
N LEU A 772 8.83 -12.87 -28.98
CA LEU A 772 9.02 -13.26 -30.38
C LEU A 772 8.48 -14.67 -30.62
N LEU A 773 8.83 -15.62 -29.72
CA LEU A 773 8.35 -17.01 -29.80
C LEU A 773 6.83 -17.05 -29.69
N GLU A 774 6.25 -16.14 -28.89
CA GLU A 774 4.81 -16.02 -28.69
C GLU A 774 4.11 -15.40 -29.90
N GLU A 775 4.74 -14.40 -30.58
CA GLU A 775 4.19 -13.81 -31.81
C GLU A 775 4.11 -14.93 -32.85
N MET A 776 5.23 -15.66 -33.06
CA MET A 776 5.34 -16.84 -33.94
C MET A 776 4.30 -17.92 -33.64
N ARG A 777 3.98 -18.20 -32.35
CA ARG A 777 2.97 -19.20 -31.99
C ARG A 777 1.58 -18.68 -32.33
N ASP A 778 1.27 -17.39 -31.97
CA ASP A 778 -0.03 -16.77 -32.28
C ASP A 778 -0.31 -16.78 -33.80
N GLU A 779 0.76 -16.76 -34.62
CA GLU A 779 0.67 -16.79 -36.08
C GLU A 779 0.31 -18.21 -36.58
N ARG A 780 0.88 -19.27 -35.96
CA ARG A 780 0.61 -20.68 -36.33
C ARG A 780 -0.78 -21.15 -35.89
N LEU A 781 -1.36 -20.52 -34.86
CA LEU A 781 -2.67 -20.91 -34.34
C LEU A 781 -3.84 -20.44 -35.20
#